data_2YTE
#
_entry.id   2YTE
#
loop_
_entity.id
_entity.type
_entity.pdbx_description
1 polymer 'Zinc finger protein 473'
2 non-polymer 'ZINC ION'
#
_entity_poly.entity_id   1
_entity_poly.type   'polypeptide(L)'
_entity_poly.pdbx_seq_one_letter_code
;GSSGSSGEKPYSCAECKETFSDNNRLVQHQKMHTVKSGPSSG
;
_entity_poly.pdbx_strand_id   A
#
loop_
_chem_comp.id
_chem_comp.type
_chem_comp.name
_chem_comp.formula
ZN non-polymer 'ZINC ION' 'Zn 2'
#
# COMPACT_ATOMS: atom_id res chain seq x y z
N GLY A 1 -10.01 -12.29 12.55
CA GLY A 1 -8.60 -12.60 12.40
C GLY A 1 -8.15 -12.54 10.97
N SER A 2 -7.99 -11.33 10.45
CA SER A 2 -7.55 -11.15 9.06
C SER A 2 -6.68 -9.90 8.92
N SER A 3 -6.06 -9.75 7.76
CA SER A 3 -5.19 -8.61 7.50
C SER A 3 -5.76 -7.74 6.38
N GLY A 4 -6.67 -6.84 6.74
CA GLY A 4 -7.28 -5.97 5.75
C GLY A 4 -8.40 -5.14 6.33
N SER A 5 -8.34 -3.83 6.13
CA SER A 5 -9.36 -2.93 6.64
C SER A 5 -9.71 -3.25 8.09
N SER A 6 -8.67 -3.49 8.90
CA SER A 6 -8.86 -3.81 10.31
C SER A 6 -7.87 -3.04 11.17
N GLY A 7 -8.37 -2.04 11.89
CA GLY A 7 -7.51 -1.24 12.75
C GLY A 7 -7.02 0.02 12.07
N GLU A 8 -6.40 0.90 12.85
CA GLU A 8 -5.88 2.16 12.32
C GLU A 8 -4.36 2.16 12.32
N LYS A 9 -3.77 2.50 11.17
CA LYS A 9 -2.32 2.54 11.04
C LYS A 9 -1.87 3.91 10.53
N PRO A 10 -0.71 4.36 11.03
CA PRO A 10 -0.13 5.66 10.63
C PRO A 10 0.37 5.66 9.20
N TYR A 11 0.24 4.51 8.53
CA TYR A 11 0.68 4.38 7.15
C TYR A 11 -0.43 3.83 6.27
N SER A 12 -0.94 4.68 5.38
CA SER A 12 -2.02 4.28 4.47
C SER A 12 -1.64 4.55 3.02
N CYS A 13 -2.24 3.80 2.11
CA CYS A 13 -1.97 3.95 0.69
C CYS A 13 -3.16 4.58 -0.03
N ALA A 14 -2.93 5.74 -0.65
CA ALA A 14 -3.98 6.43 -1.37
C ALA A 14 -4.09 5.94 -2.81
N GLU A 15 -3.74 4.67 -3.02
CA GLU A 15 -3.79 4.08 -4.35
C GLU A 15 -4.64 2.81 -4.35
N CYS A 16 -4.30 1.87 -3.47
CA CYS A 16 -5.03 0.61 -3.37
C CYS A 16 -5.86 0.57 -2.09
N LYS A 17 -5.67 1.56 -1.23
CA LYS A 17 -6.39 1.63 0.03
C LYS A 17 -5.95 0.53 0.98
N GLU A 18 -4.64 0.40 1.17
CA GLU A 18 -4.09 -0.61 2.06
C GLU A 18 -3.41 0.02 3.26
N THR A 19 -3.50 -0.64 4.41
CA THR A 19 -2.89 -0.14 5.64
C THR A 19 -1.63 -0.93 5.98
N PHE A 20 -0.69 -0.27 6.65
CA PHE A 20 0.56 -0.90 7.04
C PHE A 20 0.98 -0.45 8.43
N SER A 21 0.85 -1.34 9.41
CA SER A 21 1.22 -1.04 10.78
C SER A 21 2.65 -0.52 10.87
N ASP A 22 3.50 -1.01 9.96
CA ASP A 22 4.90 -0.59 9.93
C ASP A 22 5.24 0.07 8.59
N ASN A 23 6.09 1.09 8.64
CA ASN A 23 6.50 1.81 7.44
C ASN A 23 7.19 0.87 6.46
N ASN A 24 8.24 0.19 6.94
CA ASN A 24 8.99 -0.74 6.10
C ASN A 24 8.07 -1.45 5.11
N ARG A 25 7.04 -2.12 5.63
CA ARG A 25 6.11 -2.85 4.79
C ARG A 25 5.52 -1.93 3.72
N LEU A 26 5.16 -0.71 4.11
CA LEU A 26 4.60 0.25 3.17
C LEU A 26 5.62 0.65 2.11
N VAL A 27 6.84 0.97 2.55
CA VAL A 27 7.90 1.36 1.64
C VAL A 27 8.03 0.36 0.49
N GLN A 28 8.18 -0.92 0.83
CA GLN A 28 8.31 -1.96 -0.18
C GLN A 28 7.04 -2.10 -0.99
N HIS A 29 5.89 -1.87 -0.35
CA HIS A 29 4.60 -1.96 -1.02
C HIS A 29 4.43 -0.84 -2.04
N GLN A 30 5.01 0.32 -1.72
CA GLN A 30 4.91 1.47 -2.62
C GLN A 30 5.55 1.17 -3.96
N LYS A 31 6.79 0.70 -3.94
CA LYS A 31 7.50 0.37 -5.17
C LYS A 31 6.84 -0.81 -5.88
N MET A 32 6.38 -1.79 -5.10
CA MET A 32 5.72 -2.96 -5.67
C MET A 32 4.68 -2.57 -6.70
N HIS A 33 4.11 -1.38 -6.54
CA HIS A 33 3.09 -0.88 -7.46
C HIS A 33 3.69 -0.64 -8.84
N THR A 34 4.94 -0.19 -8.88
CA THR A 34 5.62 0.08 -10.13
C THR A 34 6.65 -0.99 -10.44
N VAL A 35 6.19 -2.10 -11.01
CA VAL A 35 7.07 -3.21 -11.36
C VAL A 35 7.28 -3.29 -12.87
N LYS A 36 8.53 -3.45 -13.28
CA LYS A 36 8.87 -3.54 -14.70
C LYS A 36 9.83 -4.70 -14.95
N SER A 37 9.58 -5.82 -14.28
CA SER A 37 10.43 -7.00 -14.43
C SER A 37 9.62 -8.18 -14.95
N GLY A 38 8.57 -8.54 -14.22
CA GLY A 38 7.73 -9.66 -14.63
C GLY A 38 6.26 -9.30 -14.63
N PRO A 39 5.50 -9.90 -15.56
CA PRO A 39 4.05 -9.65 -15.68
C PRO A 39 3.27 -10.25 -14.52
N SER A 40 2.03 -9.78 -14.35
CA SER A 40 1.18 -10.28 -13.28
C SER A 40 1.12 -11.79 -13.27
N SER A 41 0.40 -12.35 -12.30
CA SER A 41 0.27 -13.80 -12.18
C SER A 41 -1.12 -14.26 -12.61
N GLY A 42 -2.15 -13.58 -12.10
CA GLY A 42 -3.51 -13.93 -12.45
C GLY A 42 -3.94 -15.26 -11.85
ZN ZN B . -0.91 0.51 -2.42
N GLY A 1 -11.52 -2.82 1.10
CA GLY A 1 -12.21 -2.19 2.21
C GLY A 1 -12.13 -3.00 3.49
N SER A 2 -12.52 -2.40 4.60
CA SER A 2 -12.48 -3.08 5.89
C SER A 2 -13.40 -4.30 5.89
N SER A 3 -14.68 -4.07 5.61
CA SER A 3 -15.66 -5.15 5.58
C SER A 3 -15.71 -5.87 6.93
N GLY A 4 -15.67 -5.11 8.01
CA GLY A 4 -15.71 -5.70 9.34
C GLY A 4 -14.84 -4.95 10.32
N SER A 5 -14.06 -5.70 11.11
CA SER A 5 -13.18 -5.11 12.10
C SER A 5 -11.76 -4.98 11.56
N SER A 6 -11.19 -3.78 11.69
CA SER A 6 -9.84 -3.52 11.21
C SER A 6 -9.15 -2.44 12.05
N GLY A 7 -7.90 -2.69 12.41
CA GLY A 7 -7.16 -1.74 13.21
C GLY A 7 -6.59 -0.61 12.39
N GLU A 8 -6.91 0.63 12.76
CA GLU A 8 -6.42 1.80 12.04
C GLU A 8 -4.91 1.94 12.20
N LYS A 9 -4.22 2.14 11.07
CA LYS A 9 -2.76 2.29 11.09
C LYS A 9 -2.36 3.67 10.59
N PRO A 10 -1.23 4.19 11.11
CA PRO A 10 -0.72 5.51 10.73
C PRO A 10 -0.18 5.52 9.31
N TYR A 11 -0.11 4.35 8.69
CA TYR A 11 0.39 4.23 7.32
C TYR A 11 -0.72 3.78 6.37
N SER A 12 -0.91 4.54 5.30
CA SER A 12 -1.95 4.22 4.32
C SER A 12 -1.42 4.42 2.89
N CYS A 13 -1.89 3.59 1.98
CA CYS A 13 -1.47 3.67 0.58
C CYS A 13 -2.50 4.42 -0.26
N ALA A 14 -2.06 5.45 -0.95
CA ALA A 14 -2.95 6.25 -1.79
C ALA A 14 -3.11 5.60 -3.17
N GLU A 15 -2.93 4.30 -3.24
CA GLU A 15 -3.06 3.57 -4.49
C GLU A 15 -4.10 2.45 -4.38
N CYS A 16 -4.08 1.76 -3.23
CA CYS A 16 -5.03 0.67 -2.99
C CYS A 16 -5.74 0.86 -1.66
N LYS A 17 -5.35 1.90 -0.92
CA LYS A 17 -5.96 2.18 0.37
C LYS A 17 -5.71 1.05 1.36
N GLU A 18 -4.48 0.55 1.39
CA GLU A 18 -4.12 -0.53 2.29
C GLU A 18 -3.42 -0.01 3.54
N THR A 19 -3.67 -0.64 4.68
CA THR A 19 -3.07 -0.23 5.93
C THR A 19 -1.84 -1.07 6.25
N PHE A 20 -0.85 -0.45 6.89
CA PHE A 20 0.39 -1.14 7.24
C PHE A 20 0.80 -0.80 8.66
N SER A 21 1.07 -1.83 9.47
CA SER A 21 1.48 -1.64 10.85
C SER A 21 2.71 -0.73 10.93
N ASP A 22 3.63 -0.91 10.00
CA ASP A 22 4.85 -0.11 9.96
C ASP A 22 5.06 0.50 8.57
N ASN A 23 6.14 1.28 8.43
CA ASN A 23 6.45 1.92 7.16
C ASN A 23 7.16 0.95 6.23
N ASN A 24 8.23 0.32 6.72
CA ASN A 24 8.99 -0.63 5.92
C ASN A 24 8.07 -1.44 5.01
N ARG A 25 6.96 -1.90 5.57
CA ARG A 25 6.00 -2.70 4.81
C ARG A 25 5.35 -1.86 3.70
N LEU A 26 5.01 -0.62 4.03
CA LEU A 26 4.39 0.29 3.06
C LEU A 26 5.39 0.71 2.00
N VAL A 27 6.51 1.29 2.42
CA VAL A 27 7.54 1.73 1.50
C VAL A 27 7.88 0.64 0.49
N GLN A 28 7.96 -0.60 0.97
CA GLN A 28 8.29 -1.73 0.11
C GLN A 28 7.10 -2.11 -0.77
N HIS A 29 5.90 -1.69 -0.34
CA HIS A 29 4.68 -1.98 -1.09
C HIS A 29 4.41 -0.90 -2.13
N GLN A 30 4.87 0.31 -1.85
CA GLN A 30 4.68 1.43 -2.76
C GLN A 30 5.36 1.17 -4.10
N LYS A 31 6.57 0.63 -4.04
CA LYS A 31 7.34 0.33 -5.25
C LYS A 31 6.72 -0.85 -6.01
N MET A 32 6.04 -1.74 -5.27
CA MET A 32 5.41 -2.90 -5.87
C MET A 32 4.36 -2.47 -6.90
N HIS A 33 3.77 -1.31 -6.67
CA HIS A 33 2.74 -0.78 -7.58
C HIS A 33 3.35 -0.45 -8.94
N THR A 34 4.65 -0.20 -8.96
CA THR A 34 5.35 0.13 -10.19
C THR A 34 4.78 -0.64 -11.37
N VAL A 35 4.80 -0.03 -12.55
CA VAL A 35 4.29 -0.67 -13.76
C VAL A 35 5.42 -1.00 -14.73
N LYS A 36 5.39 -2.20 -15.28
CA LYS A 36 6.41 -2.64 -16.21
C LYS A 36 5.78 -3.22 -17.48
N SER A 37 5.33 -2.33 -18.36
CA SER A 37 4.69 -2.74 -19.60
C SER A 37 5.75 -3.14 -20.64
N GLY A 38 5.50 -4.26 -21.33
CA GLY A 38 6.42 -4.73 -22.33
C GLY A 38 6.62 -6.23 -22.29
N PRO A 39 7.21 -6.79 -23.35
CA PRO A 39 7.45 -8.23 -23.46
C PRO A 39 8.53 -8.71 -22.49
N SER A 40 8.36 -9.91 -21.95
CA SER A 40 9.31 -10.48 -21.01
C SER A 40 9.68 -11.90 -21.42
N SER A 41 10.58 -12.02 -22.38
CA SER A 41 11.02 -13.33 -22.86
C SER A 41 12.44 -13.25 -23.43
N GLY A 42 13.09 -14.40 -23.54
CA GLY A 42 14.43 -14.45 -24.06
C GLY A 42 15.35 -15.35 -23.26
ZN ZN B . -0.99 0.18 -2.56
N GLY A 1 -24.86 -2.62 8.79
CA GLY A 1 -23.87 -3.66 8.54
C GLY A 1 -22.47 -3.22 8.94
N SER A 2 -21.53 -3.38 8.02
CA SER A 2 -20.14 -3.00 8.27
C SER A 2 -19.95 -1.49 8.16
N SER A 3 -20.27 -0.78 9.24
CA SER A 3 -20.14 0.67 9.25
C SER A 3 -19.33 1.13 10.46
N GLY A 4 -18.24 1.85 10.20
CA GLY A 4 -17.40 2.33 11.27
C GLY A 4 -16.06 2.84 10.78
N SER A 5 -15.10 2.99 11.69
CA SER A 5 -13.77 3.47 11.34
C SER A 5 -12.94 2.37 10.71
N SER A 6 -12.61 2.55 9.43
CA SER A 6 -11.82 1.55 8.71
C SER A 6 -10.40 2.06 8.46
N GLY A 7 -9.41 1.28 8.88
CA GLY A 7 -8.03 1.66 8.71
C GLY A 7 -7.55 2.61 9.79
N GLU A 8 -7.09 2.05 10.91
CA GLU A 8 -6.60 2.85 12.03
C GLU A 8 -5.07 2.77 12.13
N LYS A 9 -4.41 2.84 10.98
CA LYS A 9 -2.95 2.78 10.93
C LYS A 9 -2.37 4.07 10.38
N PRO A 10 -1.21 4.48 10.91
CA PRO A 10 -0.52 5.70 10.48
C PRO A 10 0.05 5.57 9.07
N TYR A 11 0.00 4.37 8.52
CA TYR A 11 0.52 4.11 7.19
C TYR A 11 -0.59 3.68 6.23
N SER A 12 -0.87 4.51 5.24
CA SER A 12 -1.91 4.22 4.26
C SER A 12 -1.37 4.34 2.84
N CYS A 13 -2.00 3.61 1.92
CA CYS A 13 -1.59 3.64 0.52
C CYS A 13 -2.60 4.39 -0.34
N ALA A 14 -2.14 5.43 -1.01
CA ALA A 14 -3.01 6.24 -1.86
C ALA A 14 -3.13 5.63 -3.26
N GLU A 15 -3.10 4.30 -3.31
CA GLU A 15 -3.20 3.60 -4.58
C GLU A 15 -4.20 2.44 -4.49
N CYS A 16 -4.08 1.66 -3.42
CA CYS A 16 -4.97 0.52 -3.21
C CYS A 16 -5.77 0.69 -1.92
N LYS A 17 -5.49 1.76 -1.18
CA LYS A 17 -6.18 2.04 0.07
C LYS A 17 -5.94 0.93 1.09
N GLU A 18 -4.67 0.56 1.25
CA GLU A 18 -4.31 -0.49 2.20
C GLU A 18 -3.77 0.10 3.50
N THR A 19 -3.49 -0.76 4.47
CA THR A 19 -2.97 -0.32 5.76
C THR A 19 -1.76 -1.16 6.17
N PHE A 20 -0.82 -0.52 6.86
CA PHE A 20 0.39 -1.21 7.32
C PHE A 20 0.73 -0.80 8.75
N SER A 21 1.12 -1.78 9.56
CA SER A 21 1.47 -1.53 10.95
C SER A 21 2.79 -0.75 11.04
N ASP A 22 3.73 -1.10 10.17
CA ASP A 22 5.03 -0.42 10.15
C ASP A 22 5.24 0.32 8.84
N ASN A 23 6.32 1.09 8.77
CA ASN A 23 6.63 1.86 7.56
C ASN A 23 7.32 0.99 6.53
N ASN A 24 8.32 0.22 6.96
CA ASN A 24 9.05 -0.66 6.07
C ASN A 24 8.13 -1.34 5.07
N ARG A 25 6.98 -1.81 5.56
CA ARG A 25 6.01 -2.48 4.71
C ARG A 25 5.44 -1.51 3.68
N LEU A 26 5.15 -0.29 4.10
CA LEU A 26 4.60 0.72 3.21
C LEU A 26 5.60 1.06 2.10
N VAL A 27 6.86 1.25 2.48
CA VAL A 27 7.91 1.58 1.53
C VAL A 27 8.02 0.51 0.44
N GLN A 28 8.28 -0.73 0.86
CA GLN A 28 8.40 -1.84 -0.07
C GLN A 28 7.13 -2.03 -0.87
N HIS A 29 5.98 -1.94 -0.19
CA HIS A 29 4.69 -2.10 -0.84
C HIS A 29 4.51 -1.07 -1.95
N GLN A 30 4.69 0.21 -1.62
CA GLN A 30 4.55 1.28 -2.58
C GLN A 30 5.20 0.91 -3.91
N LYS A 31 6.44 0.42 -3.85
CA LYS A 31 7.16 0.01 -5.04
C LYS A 31 6.35 -0.97 -5.87
N MET A 32 5.62 -1.85 -5.19
CA MET A 32 4.81 -2.86 -5.87
C MET A 32 3.93 -2.20 -6.93
N HIS A 33 3.58 -0.93 -6.72
CA HIS A 33 2.74 -0.20 -7.65
C HIS A 33 3.59 0.44 -8.76
N THR A 34 4.79 -0.09 -8.95
CA THR A 34 5.70 0.42 -9.98
C THR A 34 6.18 -0.70 -10.89
N VAL A 35 5.26 -1.56 -11.30
CA VAL A 35 5.60 -2.67 -12.18
C VAL A 35 5.01 -2.48 -13.57
N LYS A 36 5.35 -3.37 -14.49
CA LYS A 36 4.85 -3.29 -15.86
C LYS A 36 4.11 -4.57 -16.23
N SER A 37 2.87 -4.42 -16.69
CA SER A 37 2.04 -5.55 -17.09
C SER A 37 2.43 -6.05 -18.48
N GLY A 38 2.14 -7.32 -18.75
CA GLY A 38 2.47 -7.89 -20.04
C GLY A 38 2.07 -6.98 -21.19
N PRO A 39 2.83 -7.04 -22.29
CA PRO A 39 2.58 -6.23 -23.48
C PRO A 39 1.31 -6.67 -24.22
N SER A 40 1.17 -7.99 -24.38
CA SER A 40 0.01 -8.54 -25.07
C SER A 40 -0.97 -9.17 -24.08
N SER A 41 -2.12 -9.60 -24.59
CA SER A 41 -3.14 -10.22 -23.75
C SER A 41 -3.38 -11.67 -24.17
N GLY A 42 -3.72 -11.87 -25.43
CA GLY A 42 -3.97 -13.20 -25.93
C GLY A 42 -4.73 -14.06 -24.94
ZN ZN B . -0.94 0.07 -2.45
N GLY A 1 -20.15 -3.70 26.56
CA GLY A 1 -18.75 -3.65 26.90
C GLY A 1 -17.86 -4.36 25.90
N SER A 2 -16.76 -3.74 25.53
CA SER A 2 -15.83 -4.32 24.57
C SER A 2 -14.39 -3.93 24.89
N SER A 3 -13.49 -4.92 24.85
CA SER A 3 -12.08 -4.67 25.14
C SER A 3 -11.56 -3.48 24.34
N GLY A 4 -11.83 -3.48 23.04
CA GLY A 4 -11.38 -2.40 22.19
C GLY A 4 -10.89 -2.88 20.84
N SER A 5 -11.62 -2.54 19.79
CA SER A 5 -11.26 -2.95 18.44
C SER A 5 -10.68 -1.77 17.65
N SER A 6 -9.52 -1.31 18.06
CA SER A 6 -8.86 -0.19 17.40
C SER A 6 -8.92 -0.34 15.88
N GLY A 7 -9.11 0.77 15.18
CA GLY A 7 -9.17 0.73 13.73
C GLY A 7 -8.54 1.95 13.09
N GLU A 8 -7.21 1.96 13.03
CA GLU A 8 -6.49 3.08 12.43
C GLU A 8 -4.99 2.79 12.38
N LYS A 9 -4.34 3.28 11.32
CA LYS A 9 -2.90 3.07 11.15
C LYS A 9 -2.24 4.32 10.58
N PRO A 10 -1.00 4.59 11.02
CA PRO A 10 -0.24 5.75 10.57
C PRO A 10 0.20 5.63 9.12
N TYR A 11 0.23 4.40 8.61
CA TYR A 11 0.63 4.13 7.23
C TYR A 11 -0.55 3.65 6.41
N SER A 12 -0.92 4.43 5.40
CA SER A 12 -2.04 4.09 4.53
C SER A 12 -1.74 4.44 3.08
N CYS A 13 -2.00 3.51 2.17
CA CYS A 13 -1.76 3.73 0.75
C CYS A 13 -2.89 4.53 0.11
N ALA A 14 -2.63 5.06 -1.07
CA ALA A 14 -3.63 5.85 -1.78
C ALA A 14 -4.11 5.13 -3.04
N GLU A 15 -3.18 4.43 -3.71
CA GLU A 15 -3.50 3.70 -4.92
C GLU A 15 -4.39 2.50 -4.61
N CYS A 16 -3.93 1.65 -3.70
CA CYS A 16 -4.67 0.46 -3.31
C CYS A 16 -5.51 0.72 -2.05
N LYS A 17 -5.09 1.71 -1.28
CA LYS A 17 -5.80 2.07 -0.05
C LYS A 17 -5.67 0.97 1.00
N GLU A 18 -4.43 0.56 1.26
CA GLU A 18 -4.16 -0.49 2.24
C GLU A 18 -3.49 0.09 3.47
N THR A 19 -3.92 -0.35 4.65
CA THR A 19 -3.37 0.12 5.91
C THR A 19 -2.23 -0.79 6.37
N PHE A 20 -1.11 -0.19 6.74
CA PHE A 20 0.06 -0.94 7.20
C PHE A 20 0.42 -0.55 8.63
N SER A 21 1.10 -1.46 9.34
CA SER A 21 1.51 -1.20 10.72
C SER A 21 2.91 -0.61 10.76
N ASP A 22 3.81 -1.18 9.96
CA ASP A 22 5.19 -0.71 9.92
C ASP A 22 5.48 0.00 8.59
N ASN A 23 6.34 1.01 8.65
CA ASN A 23 6.69 1.78 7.46
C ASN A 23 7.39 0.89 6.43
N ASN A 24 8.41 0.15 6.88
CA ASN A 24 9.14 -0.74 6.00
C ASN A 24 8.20 -1.51 5.09
N ARG A 25 7.05 -1.91 5.63
CA ARG A 25 6.06 -2.66 4.86
C ARG A 25 5.43 -1.78 3.80
N LEU A 26 5.23 -0.51 4.12
CA LEU A 26 4.62 0.44 3.18
C LEU A 26 5.64 0.88 2.13
N VAL A 27 6.75 1.42 2.59
CA VAL A 27 7.80 1.89 1.69
C VAL A 27 8.19 0.81 0.70
N GLN A 28 8.08 -0.45 1.13
CA GLN A 28 8.42 -1.58 0.27
C GLN A 28 7.24 -1.98 -0.61
N HIS A 29 6.03 -1.92 -0.03
CA HIS A 29 4.83 -2.28 -0.77
C HIS A 29 4.59 -1.33 -1.92
N GLN A 30 4.77 -0.04 -1.67
CA GLN A 30 4.57 0.98 -2.70
C GLN A 30 5.37 0.65 -3.96
N LYS A 31 6.48 -0.05 -3.78
CA LYS A 31 7.34 -0.45 -4.89
C LYS A 31 6.54 -1.21 -5.94
N MET A 32 5.60 -2.02 -5.49
CA MET A 32 4.76 -2.82 -6.39
C MET A 32 3.91 -1.91 -7.26
N HIS A 33 3.69 -0.67 -6.81
CA HIS A 33 2.89 0.29 -7.55
C HIS A 33 3.74 1.00 -8.61
N THR A 34 4.84 0.36 -9.00
CA THR A 34 5.74 0.93 -10.00
C THR A 34 5.43 0.37 -11.39
N VAL A 35 5.59 1.21 -12.41
CA VAL A 35 5.35 0.80 -13.79
C VAL A 35 6.61 0.25 -14.43
N LYS A 36 6.62 -1.06 -14.66
CA LYS A 36 7.78 -1.71 -15.27
C LYS A 36 7.55 -1.92 -16.77
N SER A 37 6.29 -2.14 -17.14
CA SER A 37 5.93 -2.35 -18.54
C SER A 37 5.32 -1.10 -19.15
N GLY A 38 6.19 -0.20 -19.61
CA GLY A 38 5.71 1.04 -20.21
C GLY A 38 6.69 2.19 -20.01
N PRO A 39 6.37 3.35 -20.60
CA PRO A 39 7.21 4.55 -20.50
C PRO A 39 7.19 5.14 -19.09
N SER A 40 8.31 5.76 -18.70
CA SER A 40 8.42 6.37 -17.39
C SER A 40 7.30 7.38 -17.15
N SER A 41 6.56 7.19 -16.07
CA SER A 41 5.45 8.07 -15.74
C SER A 41 4.53 8.28 -16.94
N GLY A 42 4.18 7.17 -17.60
CA GLY A 42 3.31 7.25 -18.77
C GLY A 42 1.85 7.38 -18.39
ZN ZN B . -0.63 0.22 -2.28
N GLY A 1 -21.93 4.39 21.76
CA GLY A 1 -20.92 3.87 22.64
C GLY A 1 -19.58 3.69 21.96
N SER A 2 -18.50 3.82 22.73
CA SER A 2 -17.15 3.68 22.18
C SER A 2 -16.63 2.26 22.40
N SER A 3 -17.50 1.28 22.19
CA SER A 3 -17.12 -0.12 22.38
C SER A 3 -16.29 -0.62 21.20
N GLY A 4 -16.89 -0.59 20.00
CA GLY A 4 -16.20 -1.05 18.82
C GLY A 4 -15.05 -0.14 18.44
N SER A 5 -13.83 -0.62 18.65
CA SER A 5 -12.63 0.16 18.34
C SER A 5 -12.26 0.01 16.86
N SER A 6 -12.59 1.03 16.07
CA SER A 6 -12.30 1.02 14.65
C SER A 6 -11.55 2.28 14.24
N GLY A 7 -10.23 2.24 14.31
CA GLY A 7 -9.42 3.39 13.94
C GLY A 7 -8.67 3.17 12.64
N GLU A 8 -7.55 3.87 12.49
CA GLU A 8 -6.73 3.75 11.28
C GLU A 8 -5.25 3.84 11.62
N LYS A 9 -4.42 3.17 10.82
CA LYS A 9 -2.98 3.17 11.03
C LYS A 9 -2.33 4.37 10.34
N PRO A 10 -1.19 4.81 10.88
CA PRO A 10 -0.44 5.95 10.32
C PRO A 10 0.20 5.63 8.97
N TYR A 11 0.04 4.39 8.53
CA TYR A 11 0.61 3.95 7.26
C TYR A 11 -0.49 3.47 6.32
N SER A 12 -0.86 4.33 5.36
CA SER A 12 -1.90 4.00 4.40
C SER A 12 -1.40 4.22 2.97
N CYS A 13 -2.05 3.57 2.01
CA CYS A 13 -1.68 3.69 0.61
C CYS A 13 -2.77 4.40 -0.18
N ALA A 14 -2.41 5.51 -0.83
CA ALA A 14 -3.36 6.27 -1.62
C ALA A 14 -3.45 5.72 -3.04
N GLU A 15 -3.12 4.45 -3.21
CA GLU A 15 -3.16 3.81 -4.52
C GLU A 15 -4.13 2.63 -4.50
N CYS A 16 -4.12 1.87 -3.42
CA CYS A 16 -4.99 0.71 -3.29
C CYS A 16 -5.77 0.77 -1.97
N LYS A 17 -5.48 1.77 -1.16
CA LYS A 17 -6.15 1.94 0.12
C LYS A 17 -5.86 0.78 1.05
N GLU A 18 -4.56 0.51 1.27
CA GLU A 18 -4.14 -0.58 2.14
C GLU A 18 -3.38 -0.05 3.34
N THR A 19 -3.82 -0.44 4.53
CA THR A 19 -3.17 0.00 5.77
C THR A 19 -2.05 -0.94 6.17
N PHE A 20 -1.04 -0.39 6.87
CA PHE A 20 0.09 -1.20 7.31
C PHE A 20 0.47 -0.86 8.75
N SER A 21 1.17 -1.77 9.40
CA SER A 21 1.58 -1.57 10.79
C SER A 21 2.87 -0.75 10.86
N ASP A 22 3.87 -1.18 10.10
CA ASP A 22 5.16 -0.49 10.06
C ASP A 22 5.34 0.26 8.75
N ASN A 23 6.35 1.13 8.71
CA ASN A 23 6.63 1.91 7.52
C ASN A 23 7.32 1.06 6.45
N ASN A 24 8.33 0.31 6.88
CA ASN A 24 9.08 -0.55 5.97
C ASN A 24 8.14 -1.26 4.99
N ARG A 25 7.11 -1.89 5.53
CA ARG A 25 6.13 -2.61 4.71
C ARG A 25 5.49 -1.67 3.69
N LEU A 26 5.07 -0.50 4.15
CA LEU A 26 4.44 0.48 3.28
C LEU A 26 5.38 0.88 2.14
N VAL A 27 6.60 1.26 2.50
CA VAL A 27 7.59 1.67 1.52
C VAL A 27 7.78 0.60 0.44
N GLN A 28 8.17 -0.60 0.88
CA GLN A 28 8.39 -1.71 -0.04
C GLN A 28 7.12 -2.00 -0.85
N HIS A 29 5.97 -1.80 -0.22
CA HIS A 29 4.69 -2.04 -0.87
C HIS A 29 4.45 -1.03 -1.98
N GLN A 30 4.71 0.24 -1.69
CA GLN A 30 4.52 1.30 -2.67
C GLN A 30 5.36 1.05 -3.92
N LYS A 31 6.44 0.27 -3.77
CA LYS A 31 7.31 -0.04 -4.88
C LYS A 31 6.64 -1.00 -5.85
N MET A 32 6.00 -2.03 -5.32
CA MET A 32 5.30 -3.01 -6.14
C MET A 32 4.31 -2.33 -7.08
N HIS A 33 3.79 -1.19 -6.66
CA HIS A 33 2.83 -0.44 -7.46
C HIS A 33 3.50 0.13 -8.71
N THR A 34 4.80 0.38 -8.62
CA THR A 34 5.56 0.93 -9.73
C THR A 34 5.03 0.41 -11.06
N VAL A 35 5.13 1.23 -12.09
CA VAL A 35 4.65 0.86 -13.43
C VAL A 35 5.82 0.53 -14.35
N LYS A 36 5.94 -0.74 -14.72
CA LYS A 36 7.01 -1.18 -15.59
C LYS A 36 6.55 -2.32 -16.49
N SER A 37 6.90 -2.26 -17.77
CA SER A 37 6.51 -3.29 -18.71
C SER A 37 7.67 -4.25 -18.98
N GLY A 38 7.44 -5.53 -18.72
CA GLY A 38 8.47 -6.53 -18.93
C GLY A 38 9.23 -6.86 -17.65
N PRO A 39 10.33 -7.61 -17.80
CA PRO A 39 11.17 -8.02 -16.66
C PRO A 39 11.93 -6.85 -16.06
N SER A 40 12.81 -7.14 -15.10
CA SER A 40 13.59 -6.10 -14.44
C SER A 40 14.85 -5.80 -15.23
N SER A 41 15.09 -4.51 -15.47
CA SER A 41 16.26 -4.08 -16.23
C SER A 41 16.24 -4.66 -17.64
N GLY A 42 15.06 -4.64 -18.26
CA GLY A 42 14.94 -5.17 -19.61
C GLY A 42 15.75 -6.43 -19.83
ZN ZN B . -0.91 0.15 -2.44
N GLY A 1 -13.16 -3.21 2.92
CA GLY A 1 -12.50 -3.18 4.20
C GLY A 1 -12.99 -4.28 5.13
N SER A 2 -12.05 -5.02 5.72
CA SER A 2 -12.39 -6.10 6.63
C SER A 2 -12.81 -5.56 7.99
N SER A 3 -13.85 -6.16 8.57
CA SER A 3 -14.34 -5.74 9.88
C SER A 3 -13.24 -5.83 10.94
N GLY A 4 -13.06 -4.74 11.68
CA GLY A 4 -12.05 -4.71 12.72
C GLY A 4 -12.54 -4.09 14.00
N SER A 5 -11.62 -3.68 14.86
CA SER A 5 -11.97 -3.07 16.14
C SER A 5 -11.59 -1.60 16.17
N SER A 6 -11.96 -0.88 15.11
CA SER A 6 -11.65 0.55 15.01
C SER A 6 -10.15 0.78 15.00
N GLY A 7 -9.44 -0.03 14.23
CA GLY A 7 -7.99 0.11 14.14
C GLY A 7 -7.55 0.86 12.91
N GLU A 8 -6.89 2.00 13.11
CA GLU A 8 -6.42 2.82 12.00
C GLU A 8 -4.90 2.96 12.05
N LYS A 9 -4.23 2.49 11.00
CA LYS A 9 -2.77 2.57 10.93
C LYS A 9 -2.34 3.89 10.29
N PRO A 10 -1.21 4.44 10.78
CA PRO A 10 -0.67 5.70 10.28
C PRO A 10 -0.11 5.57 8.87
N TYR A 11 0.05 4.34 8.42
CA TYR A 11 0.58 4.07 7.08
C TYR A 11 -0.52 3.58 6.15
N SER A 12 -0.98 4.47 5.27
CA SER A 12 -2.04 4.14 4.32
C SER A 12 -1.57 4.36 2.88
N CYS A 13 -1.83 3.39 2.02
CA CYS A 13 -1.44 3.48 0.62
C CYS A 13 -2.45 4.31 -0.17
N ALA A 14 -1.96 5.35 -0.84
CA ALA A 14 -2.82 6.22 -1.62
C ALA A 14 -3.05 5.64 -3.02
N GLU A 15 -2.85 4.33 -3.15
CA GLU A 15 -3.04 3.65 -4.43
C GLU A 15 -4.14 2.60 -4.32
N CYS A 16 -4.00 1.70 -3.37
CA CYS A 16 -4.98 0.63 -3.17
C CYS A 16 -5.72 0.82 -1.86
N LYS A 17 -5.33 1.84 -1.10
CA LYS A 17 -5.96 2.13 0.19
C LYS A 17 -5.75 0.99 1.16
N GLU A 18 -4.50 0.59 1.34
CA GLU A 18 -4.17 -0.51 2.25
C GLU A 18 -3.51 0.03 3.53
N THR A 19 -3.75 -0.65 4.64
CA THR A 19 -3.18 -0.25 5.92
C THR A 19 -1.96 -1.09 6.27
N PHE A 20 -1.00 -0.48 6.96
CA PHE A 20 0.22 -1.18 7.35
C PHE A 20 0.61 -0.82 8.79
N SER A 21 1.08 -1.82 9.53
CA SER A 21 1.48 -1.61 10.92
C SER A 21 2.74 -0.75 10.99
N ASP A 22 3.73 -1.07 10.15
CA ASP A 22 4.97 -0.32 10.12
C ASP A 22 5.14 0.41 8.80
N ASN A 23 6.22 1.18 8.69
CA ASN A 23 6.50 1.94 7.48
C ASN A 23 7.19 1.08 6.43
N ASN A 24 8.29 0.46 6.83
CA ASN A 24 9.05 -0.40 5.93
C ASN A 24 8.13 -1.17 4.99
N ARG A 25 7.14 -1.84 5.57
CA ARG A 25 6.19 -2.62 4.79
C ARG A 25 5.52 -1.76 3.72
N LEU A 26 5.13 -0.55 4.12
CA LEU A 26 4.48 0.38 3.19
C LEU A 26 5.42 0.75 2.05
N VAL A 27 6.58 1.29 2.39
CA VAL A 27 7.57 1.68 1.40
C VAL A 27 7.86 0.54 0.43
N GLN A 28 8.03 -0.66 0.97
CA GLN A 28 8.31 -1.84 0.15
C GLN A 28 7.09 -2.23 -0.67
N HIS A 29 5.93 -1.75 -0.25
CA HIS A 29 4.68 -2.07 -0.94
C HIS A 29 4.36 -1.00 -1.98
N GLN A 30 4.81 0.22 -1.73
CA GLN A 30 4.57 1.33 -2.65
C GLN A 30 5.18 1.04 -4.02
N LYS A 31 6.43 0.59 -4.02
CA LYS A 31 7.13 0.27 -5.27
C LYS A 31 6.40 -0.83 -6.03
N MET A 32 5.83 -1.78 -5.30
CA MET A 32 5.11 -2.88 -5.91
C MET A 32 4.09 -2.36 -6.92
N HIS A 33 3.75 -1.09 -6.82
CA HIS A 33 2.79 -0.47 -7.73
C HIS A 33 3.48 0.06 -8.98
N THR A 34 4.68 -0.45 -9.25
CA THR A 34 5.45 -0.01 -10.41
C THR A 34 5.12 -0.86 -11.64
N VAL A 35 4.02 -1.60 -11.56
CA VAL A 35 3.59 -2.45 -12.66
C VAL A 35 2.19 -3.01 -12.42
N LYS A 36 1.45 -3.23 -13.49
CA LYS A 36 0.10 -3.77 -13.39
C LYS A 36 0.09 -5.07 -12.62
N SER A 37 1.02 -5.96 -12.95
CA SER A 37 1.11 -7.26 -12.27
C SER A 37 -0.25 -7.93 -12.19
N GLY A 38 -0.94 -8.01 -13.34
CA GLY A 38 -2.25 -8.63 -13.37
C GLY A 38 -3.36 -7.65 -13.06
N PRO A 39 -3.73 -6.83 -14.05
CA PRO A 39 -4.79 -5.83 -13.90
C PRO A 39 -6.18 -6.46 -13.77
N SER A 40 -6.27 -7.73 -14.15
CA SER A 40 -7.54 -8.46 -14.09
C SER A 40 -8.35 -8.02 -12.88
N SER A 41 -9.66 -7.87 -13.07
CA SER A 41 -10.55 -7.46 -11.99
C SER A 41 -9.89 -6.39 -11.12
N GLY A 42 -9.27 -5.40 -11.77
CA GLY A 42 -8.61 -4.34 -11.04
C GLY A 42 -7.09 -4.45 -11.11
ZN ZN B . -0.94 -0.09 -2.46
N GLY A 1 -17.57 1.48 6.67
CA GLY A 1 -17.30 1.20 8.07
C GLY A 1 -15.94 1.68 8.51
N SER A 2 -15.26 0.88 9.33
CA SER A 2 -13.94 1.25 9.84
C SER A 2 -12.90 0.21 9.43
N SER A 3 -12.49 0.25 8.16
CA SER A 3 -11.50 -0.69 7.65
C SER A 3 -11.67 -2.06 8.30
N GLY A 4 -12.92 -2.48 8.46
CA GLY A 4 -13.19 -3.77 9.07
C GLY A 4 -13.21 -3.72 10.58
N SER A 5 -13.91 -2.73 11.12
CA SER A 5 -14.00 -2.56 12.57
C SER A 5 -12.66 -2.88 13.23
N SER A 6 -11.57 -2.42 12.63
CA SER A 6 -10.23 -2.66 13.16
C SER A 6 -9.44 -1.35 13.23
N GLY A 7 -8.62 -1.24 14.26
CA GLY A 7 -7.81 -0.04 14.43
C GLY A 7 -7.27 0.49 13.12
N GLU A 8 -6.97 1.78 13.07
CA GLU A 8 -6.44 2.40 11.87
C GLU A 8 -4.93 2.59 11.97
N LYS A 9 -4.21 2.05 11.00
CA LYS A 9 -2.75 2.16 10.97
C LYS A 9 -2.31 3.56 10.52
N PRO A 10 -1.16 4.01 11.03
CA PRO A 10 -0.61 5.32 10.69
C PRO A 10 -0.11 5.39 9.25
N TYR A 11 0.15 4.22 8.66
CA TYR A 11 0.65 4.16 7.29
C TYR A 11 -0.43 3.57 6.37
N SER A 12 -0.72 4.30 5.30
CA SER A 12 -1.73 3.86 4.33
C SER A 12 -1.27 4.14 2.91
N CYS A 13 -1.90 3.45 1.95
CA CYS A 13 -1.55 3.62 0.54
C CYS A 13 -2.62 4.43 -0.19
N ALA A 14 -2.19 5.47 -0.88
CA ALA A 14 -3.12 6.32 -1.63
C ALA A 14 -3.32 5.81 -3.04
N GLU A 15 -3.14 4.50 -3.22
CA GLU A 15 -3.30 3.88 -4.53
C GLU A 15 -4.28 2.71 -4.46
N CYS A 16 -4.08 1.84 -3.48
CA CYS A 16 -4.95 0.68 -3.30
C CYS A 16 -5.76 0.80 -2.01
N LYS A 17 -5.48 1.85 -1.24
CA LYS A 17 -6.19 2.08 0.02
C LYS A 17 -5.90 0.96 1.02
N GLU A 18 -4.62 0.63 1.18
CA GLU A 18 -4.21 -0.42 2.11
C GLU A 18 -3.71 0.19 3.43
N THR A 19 -3.31 -0.69 4.35
CA THR A 19 -2.80 -0.24 5.65
C THR A 19 -1.64 -1.11 6.10
N PHE A 20 -0.66 -0.48 6.74
CA PHE A 20 0.52 -1.19 7.24
C PHE A 20 0.94 -0.66 8.61
N SER A 21 0.98 -1.55 9.59
CA SER A 21 1.35 -1.18 10.95
C SER A 21 2.70 -0.47 10.96
N ASP A 22 3.64 -0.99 10.17
CA ASP A 22 4.98 -0.41 10.09
C ASP A 22 5.17 0.32 8.77
N ASN A 23 6.17 1.19 8.72
CA ASN A 23 6.45 1.96 7.51
C ASN A 23 7.15 1.10 6.47
N ASN A 24 8.24 0.46 6.88
CA ASN A 24 9.00 -0.40 5.98
C ASN A 24 8.07 -1.17 5.03
N ARG A 25 7.11 -1.88 5.61
CA ARG A 25 6.16 -2.65 4.82
C ARG A 25 5.52 -1.78 3.74
N LEU A 26 5.11 -0.58 4.13
CA LEU A 26 4.48 0.35 3.19
C LEU A 26 5.44 0.73 2.07
N VAL A 27 6.58 1.31 2.44
CA VAL A 27 7.58 1.72 1.46
C VAL A 27 7.84 0.62 0.45
N GLN A 28 8.04 -0.60 0.94
CA GLN A 28 8.29 -1.74 0.07
C GLN A 28 7.06 -2.09 -0.75
N HIS A 29 5.89 -1.72 -0.24
CA HIS A 29 4.63 -2.00 -0.93
C HIS A 29 4.33 -0.91 -1.95
N GLN A 30 4.85 0.29 -1.71
CA GLN A 30 4.64 1.41 -2.62
C GLN A 30 5.21 1.12 -3.99
N LYS A 31 6.43 0.58 -4.02
CA LYS A 31 7.10 0.24 -5.27
C LYS A 31 6.40 -0.91 -5.98
N MET A 32 5.92 -1.88 -5.19
CA MET A 32 5.23 -3.03 -5.73
C MET A 32 4.18 -2.61 -6.76
N HIS A 33 3.77 -1.35 -6.69
CA HIS A 33 2.76 -0.82 -7.61
C HIS A 33 3.41 -0.37 -8.91
N THR A 34 4.61 -0.88 -9.18
CA THR A 34 5.33 -0.54 -10.40
C THR A 34 5.00 -1.50 -11.53
N VAL A 35 5.25 -1.07 -12.77
CA VAL A 35 4.98 -1.89 -13.93
C VAL A 35 6.24 -2.09 -14.76
N LYS A 36 7.33 -2.43 -14.10
CA LYS A 36 8.61 -2.66 -14.78
C LYS A 36 8.81 -4.15 -15.04
N SER A 37 8.59 -4.56 -16.28
CA SER A 37 8.76 -5.95 -16.67
C SER A 37 8.74 -6.11 -18.19
N GLY A 38 9.06 -7.31 -18.66
CA GLY A 38 9.07 -7.57 -20.08
C GLY A 38 7.72 -7.33 -20.73
N PRO A 39 7.68 -7.40 -22.07
CA PRO A 39 6.44 -7.19 -22.83
C PRO A 39 5.45 -8.33 -22.65
N SER A 40 4.30 -8.01 -22.05
CA SER A 40 3.26 -9.00 -21.82
C SER A 40 3.87 -10.36 -21.48
N SER A 41 4.92 -10.34 -20.66
CA SER A 41 5.60 -11.57 -20.26
C SER A 41 5.47 -11.79 -18.75
N GLY A 42 4.33 -12.33 -18.33
CA GLY A 42 4.10 -12.59 -16.93
C GLY A 42 3.01 -11.73 -16.35
ZN ZN B . -0.98 0.09 -2.53
N GLY A 1 -24.44 -2.91 2.70
CA GLY A 1 -23.97 -3.48 3.95
C GLY A 1 -22.75 -2.76 4.49
N SER A 2 -22.61 -2.75 5.82
CA SER A 2 -21.47 -2.09 6.46
C SER A 2 -20.29 -3.03 6.57
N SER A 3 -19.19 -2.68 5.91
CA SER A 3 -17.98 -3.49 5.94
C SER A 3 -17.08 -3.11 7.11
N GLY A 4 -16.76 -1.83 7.20
CA GLY A 4 -15.92 -1.35 8.29
C GLY A 4 -14.58 -0.85 7.79
N SER A 5 -13.94 0.02 8.58
CA SER A 5 -12.65 0.58 8.21
C SER A 5 -11.55 -0.49 8.30
N SER A 6 -11.50 -1.17 9.44
CA SER A 6 -10.50 -2.21 9.66
C SER A 6 -9.10 -1.70 9.34
N GLY A 7 -8.82 -0.47 9.74
CA GLY A 7 -7.51 0.12 9.48
C GLY A 7 -7.11 1.13 10.53
N GLU A 8 -6.58 0.65 11.64
CA GLU A 8 -6.16 1.52 12.74
C GLU A 8 -4.66 1.76 12.69
N LYS A 9 -4.14 2.01 11.49
CA LYS A 9 -2.71 2.26 11.29
C LYS A 9 -2.49 3.61 10.62
N PRO A 10 -1.40 4.30 11.03
CA PRO A 10 -1.05 5.61 10.47
C PRO A 10 -0.58 5.52 9.03
N TYR A 11 -0.11 4.34 8.63
CA TYR A 11 0.37 4.12 7.28
C TYR A 11 -0.78 3.73 6.35
N SER A 12 -1.03 4.57 5.34
CA SER A 12 -2.10 4.31 4.38
C SER A 12 -1.62 4.55 2.96
N CYS A 13 -2.10 3.73 2.03
CA CYS A 13 -1.72 3.86 0.63
C CYS A 13 -2.82 4.54 -0.18
N ALA A 14 -2.47 5.65 -0.81
CA ALA A 14 -3.42 6.40 -1.62
C ALA A 14 -3.53 5.83 -3.03
N GLU A 15 -3.35 4.52 -3.14
CA GLU A 15 -3.43 3.85 -4.43
C GLU A 15 -4.36 2.63 -4.36
N CYS A 16 -4.06 1.74 -3.42
CA CYS A 16 -4.86 0.53 -3.24
C CYS A 16 -5.72 0.62 -2.00
N LYS A 17 -5.53 1.69 -1.23
CA LYS A 17 -6.29 1.91 -0.01
C LYS A 17 -5.99 0.83 1.03
N GLU A 18 -4.71 0.60 1.29
CA GLU A 18 -4.30 -0.41 2.25
C GLU A 18 -3.71 0.25 3.50
N THR A 19 -3.41 -0.58 4.51
CA THR A 19 -2.85 -0.08 5.76
C THR A 19 -1.73 -0.99 6.26
N PHE A 20 -0.69 -0.37 6.82
CA PHE A 20 0.45 -1.13 7.33
C PHE A 20 0.80 -0.69 8.75
N SER A 21 1.13 -1.65 9.61
CA SER A 21 1.49 -1.36 10.99
C SER A 21 2.95 -0.92 11.10
N ASP A 22 3.52 -0.53 9.97
CA ASP A 22 4.91 -0.09 9.94
C ASP A 22 5.24 0.62 8.62
N ASN A 23 6.46 1.12 8.51
CA ASN A 23 6.89 1.81 7.30
C ASN A 23 7.58 0.86 6.34
N ASN A 24 8.47 0.03 6.87
CA ASN A 24 9.21 -0.94 6.06
C ASN A 24 8.26 -1.71 5.14
N ARG A 25 7.06 -2.00 5.64
CA ARG A 25 6.07 -2.73 4.87
C ARG A 25 5.47 -1.85 3.77
N LEU A 26 5.28 -0.58 4.08
CA LEU A 26 4.72 0.38 3.13
C LEU A 26 5.74 0.71 2.04
N VAL A 27 6.90 1.21 2.45
CA VAL A 27 7.95 1.56 1.51
C VAL A 27 8.15 0.47 0.47
N GLN A 28 8.25 -0.77 0.93
CA GLN A 28 8.44 -1.91 0.03
C GLN A 28 7.22 -2.12 -0.85
N HIS A 29 6.04 -1.88 -0.29
CA HIS A 29 4.80 -2.04 -1.02
C HIS A 29 4.68 -1.00 -2.13
N GLN A 30 4.68 0.27 -1.76
CA GLN A 30 4.58 1.35 -2.72
C GLN A 30 5.36 1.03 -4.00
N LYS A 31 6.49 0.35 -3.84
CA LYS A 31 7.32 -0.03 -4.97
C LYS A 31 6.57 -0.98 -5.90
N MET A 32 5.96 -2.02 -5.32
CA MET A 32 5.21 -3.00 -6.08
C MET A 32 4.29 -2.32 -7.09
N HIS A 33 3.74 -1.17 -6.69
CA HIS A 33 2.83 -0.43 -7.56
C HIS A 33 3.57 0.07 -8.80
N THR A 34 4.84 0.44 -8.64
CA THR A 34 5.65 0.92 -9.74
C THR A 34 6.30 -0.22 -10.51
N VAL A 35 6.02 -0.30 -11.80
CA VAL A 35 6.58 -1.36 -12.64
C VAL A 35 7.94 -0.95 -13.20
N LYS A 36 7.96 0.17 -13.93
CA LYS A 36 9.20 0.67 -14.52
C LYS A 36 10.02 -0.47 -15.11
N SER A 37 9.34 -1.39 -15.79
CA SER A 37 10.01 -2.53 -16.41
C SER A 37 10.90 -2.08 -17.57
N GLY A 38 10.36 -1.18 -18.39
CA GLY A 38 11.12 -0.68 -19.53
C GLY A 38 10.22 -0.19 -20.65
N PRO A 39 9.96 -1.07 -21.62
CA PRO A 39 9.11 -0.75 -22.78
C PRO A 39 7.64 -0.59 -22.38
N SER A 40 7.36 -0.71 -21.09
CA SER A 40 5.99 -0.58 -20.59
C SER A 40 5.22 0.45 -21.39
N SER A 41 3.99 0.10 -21.76
CA SER A 41 3.13 1.00 -22.54
C SER A 41 2.76 2.23 -21.73
N GLY A 42 2.33 2.01 -20.48
CA GLY A 42 1.95 3.12 -19.63
C GLY A 42 1.51 2.66 -18.26
ZN ZN B . -0.88 0.39 -2.50
N GLY A 1 -24.40 -2.93 5.64
CA GLY A 1 -24.38 -3.68 6.88
C GLY A 1 -22.97 -4.05 7.30
N SER A 2 -22.84 -5.20 7.98
CA SER A 2 -21.54 -5.65 8.46
C SER A 2 -20.49 -5.53 7.36
N SER A 3 -19.70 -4.46 7.42
CA SER A 3 -18.66 -4.22 6.43
C SER A 3 -17.34 -4.85 6.87
N GLY A 4 -16.90 -4.52 8.08
CA GLY A 4 -15.65 -5.06 8.59
C GLY A 4 -14.54 -4.03 8.62
N SER A 5 -14.46 -3.29 9.72
CA SER A 5 -13.44 -2.26 9.86
C SER A 5 -12.17 -2.84 10.49
N SER A 6 -11.03 -2.27 10.12
CA SER A 6 -9.74 -2.74 10.64
C SER A 6 -9.21 -1.79 11.71
N GLY A 7 -9.10 -0.51 11.35
CA GLY A 7 -8.61 0.48 12.29
C GLY A 7 -8.04 1.69 11.59
N GLU A 8 -7.15 2.41 12.28
CA GLU A 8 -6.53 3.61 11.72
C GLU A 8 -5.02 3.59 11.93
N LYS A 9 -4.30 3.02 10.98
CA LYS A 9 -2.84 2.94 11.06
C LYS A 9 -2.20 4.20 10.50
N PRO A 10 -1.05 4.57 11.06
CA PRO A 10 -0.30 5.76 10.63
C PRO A 10 0.32 5.59 9.25
N TYR A 11 0.08 4.44 8.64
CA TYR A 11 0.61 4.16 7.31
C TYR A 11 -0.49 3.69 6.36
N SER A 12 -0.83 4.53 5.39
CA SER A 12 -1.87 4.21 4.43
C SER A 12 -1.36 4.40 3.00
N CYS A 13 -1.99 3.69 2.06
CA CYS A 13 -1.60 3.77 0.66
C CYS A 13 -2.56 4.69 -0.11
N ALA A 14 -2.14 5.11 -1.30
CA ALA A 14 -2.95 5.97 -2.14
C ALA A 14 -3.44 5.25 -3.39
N GLU A 15 -2.75 4.15 -3.73
CA GLU A 15 -3.10 3.37 -4.90
C GLU A 15 -4.16 2.31 -4.55
N CYS A 16 -3.88 1.53 -3.51
CA CYS A 16 -4.81 0.49 -3.07
C CYS A 16 -5.48 0.87 -1.77
N LYS A 17 -4.92 1.87 -1.09
CA LYS A 17 -5.47 2.34 0.18
C LYS A 17 -5.43 1.23 1.23
N GLU A 18 -4.28 0.55 1.32
CA GLU A 18 -4.12 -0.52 2.30
C GLU A 18 -3.42 -0.02 3.56
N THR A 19 -3.72 -0.66 4.69
CA THR A 19 -3.14 -0.27 5.96
C THR A 19 -1.91 -1.12 6.27
N PHE A 20 -0.96 -0.52 6.99
CA PHE A 20 0.27 -1.23 7.36
C PHE A 20 0.69 -0.88 8.78
N SER A 21 0.99 -1.90 9.58
CA SER A 21 1.41 -1.69 10.96
C SER A 21 2.68 -0.84 11.03
N ASP A 22 3.64 -1.17 10.18
CA ASP A 22 4.90 -0.45 10.14
C ASP A 22 5.06 0.32 8.83
N ASN A 23 6.14 1.08 8.71
CA ASN A 23 6.41 1.86 7.51
C ASN A 23 7.10 1.01 6.45
N ASN A 24 8.16 0.31 6.86
CA ASN A 24 8.92 -0.54 5.95
C ASN A 24 7.98 -1.24 4.96
N ARG A 25 6.96 -1.90 5.49
CA ARG A 25 6.00 -2.61 4.66
C ARG A 25 5.39 -1.69 3.62
N LEU A 26 4.93 -0.52 4.07
CA LEU A 26 4.31 0.46 3.18
C LEU A 26 5.30 0.92 2.12
N VAL A 27 6.51 1.28 2.55
CA VAL A 27 7.55 1.74 1.62
C VAL A 27 7.78 0.71 0.52
N GLN A 28 8.15 -0.50 0.92
CA GLN A 28 8.41 -1.56 -0.04
C GLN A 28 7.18 -1.85 -0.89
N HIS A 29 6.02 -1.88 -0.25
CA HIS A 29 4.77 -2.13 -0.94
C HIS A 29 4.53 -1.12 -2.05
N GLN A 30 4.65 0.17 -1.71
CA GLN A 30 4.46 1.24 -2.67
C GLN A 30 5.10 0.88 -4.01
N LYS A 31 6.40 0.66 -3.99
CA LYS A 31 7.13 0.32 -5.21
C LYS A 31 6.37 -0.74 -6.02
N MET A 32 5.81 -1.71 -5.33
CA MET A 32 5.06 -2.78 -5.98
C MET A 32 4.12 -2.21 -7.04
N HIS A 33 3.45 -1.11 -6.71
CA HIS A 33 2.53 -0.47 -7.65
C HIS A 33 3.28 0.09 -8.86
N THR A 34 4.48 0.60 -8.61
CA THR A 34 5.30 1.16 -9.69
C THR A 34 6.05 0.06 -10.44
N VAL A 35 5.68 -0.15 -11.70
CA VAL A 35 6.31 -1.17 -12.52
C VAL A 35 6.96 -0.55 -13.75
N LYS A 36 8.09 -1.12 -14.17
CA LYS A 36 8.81 -0.62 -15.34
C LYS A 36 8.93 -1.71 -16.40
N SER A 37 8.09 -1.60 -17.44
CA SER A 37 8.11 -2.58 -18.53
C SER A 37 8.32 -1.89 -19.87
N GLY A 38 8.49 -2.69 -20.92
CA GLY A 38 8.70 -2.15 -22.25
C GLY A 38 7.51 -1.36 -22.75
N PRO A 39 6.38 -2.05 -22.93
CA PRO A 39 5.14 -1.44 -23.41
C PRO A 39 4.51 -0.50 -22.39
N SER A 40 4.09 0.68 -22.84
CA SER A 40 3.47 1.66 -21.96
C SER A 40 1.97 1.76 -22.22
N SER A 41 1.61 1.98 -23.48
CA SER A 41 0.21 2.10 -23.86
C SER A 41 -0.24 0.89 -24.68
N GLY A 42 0.53 0.58 -25.71
CA GLY A 42 0.20 -0.55 -26.57
C GLY A 42 1.16 -1.70 -26.40
ZN ZN B . -1.00 0.07 -2.28
N GLY A 1 -9.33 13.13 1.35
CA GLY A 1 -9.91 13.18 2.68
C GLY A 1 -10.14 11.80 3.27
N SER A 2 -11.40 11.38 3.32
CA SER A 2 -11.75 10.07 3.87
C SER A 2 -12.31 9.17 2.78
N SER A 3 -11.46 8.28 2.26
CA SER A 3 -11.85 7.36 1.21
C SER A 3 -12.08 5.96 1.77
N GLY A 4 -11.02 5.38 2.33
CA GLY A 4 -11.12 4.05 2.91
C GLY A 4 -12.30 3.91 3.85
N SER A 5 -12.77 2.67 4.02
CA SER A 5 -13.90 2.41 4.89
C SER A 5 -13.45 2.28 6.35
N SER A 6 -12.55 1.33 6.59
CA SER A 6 -12.03 1.09 7.94
C SER A 6 -10.50 1.05 7.94
N GLY A 7 -9.92 1.19 9.12
CA GLY A 7 -8.47 1.17 9.23
C GLY A 7 -7.95 2.27 10.13
N GLU A 8 -7.16 1.90 11.13
CA GLU A 8 -6.59 2.86 12.07
C GLU A 8 -5.08 2.70 12.15
N LYS A 9 -4.40 2.84 11.02
CA LYS A 9 -2.95 2.71 10.97
C LYS A 9 -2.31 4.01 10.48
N PRO A 10 -1.12 4.34 11.04
CA PRO A 10 -0.38 5.55 10.68
C PRO A 10 0.19 5.47 9.26
N TYR A 11 -0.01 4.33 8.61
CA TYR A 11 0.50 4.13 7.25
C TYR A 11 -0.62 3.68 6.32
N SER A 12 -0.91 4.50 5.32
CA SER A 12 -1.96 4.19 4.35
C SER A 12 -1.49 4.48 2.92
N CYS A 13 -2.09 3.80 1.96
CA CYS A 13 -1.74 3.98 0.56
C CYS A 13 -2.88 4.64 -0.20
N ALA A 14 -2.56 5.71 -0.93
CA ALA A 14 -3.56 6.43 -1.70
C ALA A 14 -3.71 5.83 -3.10
N GLU A 15 -3.34 4.57 -3.23
CA GLU A 15 -3.43 3.88 -4.52
C GLU A 15 -4.36 2.67 -4.42
N CYS A 16 -4.12 1.82 -3.43
CA CYS A 16 -4.93 0.63 -3.22
C CYS A 16 -5.69 0.71 -1.90
N LYS A 17 -5.44 1.76 -1.13
CA LYS A 17 -6.10 1.96 0.15
C LYS A 17 -5.77 0.83 1.11
N GLU A 18 -4.48 0.52 1.22
CA GLU A 18 -4.03 -0.55 2.11
C GLU A 18 -3.42 0.03 3.38
N THR A 19 -3.57 -0.71 4.49
CA THR A 19 -3.04 -0.26 5.77
C THR A 19 -1.82 -1.09 6.18
N PHE A 20 -0.90 -0.47 6.90
CA PHE A 20 0.31 -1.16 7.35
C PHE A 20 0.68 -0.74 8.76
N SER A 21 1.05 -1.71 9.58
CA SER A 21 1.42 -1.44 10.98
C SER A 21 2.76 -0.72 11.04
N ASP A 22 3.67 -1.07 10.14
CA ASP A 22 4.98 -0.44 10.10
C ASP A 22 5.20 0.29 8.79
N ASN A 23 6.26 1.10 8.73
CA ASN A 23 6.58 1.85 7.53
C ASN A 23 7.22 0.95 6.47
N ASN A 24 8.25 0.22 6.89
CA ASN A 24 8.96 -0.67 5.98
C ASN A 24 8.00 -1.29 4.96
N ARG A 25 6.98 -1.97 5.46
CA ARG A 25 5.99 -2.61 4.60
C ARG A 25 5.46 -1.61 3.55
N LEU A 26 5.05 -0.44 4.03
CA LEU A 26 4.52 0.58 3.13
C LEU A 26 5.56 1.01 2.10
N VAL A 27 6.79 1.21 2.56
CA VAL A 27 7.87 1.62 1.68
C VAL A 27 8.05 0.61 0.54
N GLN A 28 8.28 -0.64 0.89
CA GLN A 28 8.47 -1.69 -0.11
C GLN A 28 7.22 -1.87 -0.95
N HIS A 29 6.06 -1.84 -0.30
CA HIS A 29 4.78 -1.99 -1.00
C HIS A 29 4.65 -0.96 -2.12
N GLN A 30 4.81 0.31 -1.77
CA GLN A 30 4.70 1.39 -2.74
C GLN A 30 5.37 1.01 -4.06
N LYS A 31 6.57 0.43 -3.96
CA LYS A 31 7.32 0.01 -5.13
C LYS A 31 6.57 -1.07 -5.90
N MET A 32 5.96 -2.00 -5.16
CA MET A 32 5.22 -3.09 -5.77
C MET A 32 4.29 -2.58 -6.86
N HIS A 33 3.78 -1.35 -6.68
CA HIS A 33 2.89 -0.74 -7.66
C HIS A 33 3.62 -0.48 -8.97
N THR A 34 4.90 -0.13 -8.88
CA THR A 34 5.71 0.17 -10.06
C THR A 34 6.34 -1.11 -10.61
N VAL A 35 5.63 -1.78 -11.51
CA VAL A 35 6.14 -3.01 -12.11
C VAL A 35 7.53 -2.81 -12.68
N LYS A 36 8.38 -3.82 -12.50
CA LYS A 36 9.75 -3.76 -12.99
C LYS A 36 10.33 -5.16 -13.17
N SER A 37 11.12 -5.34 -14.22
CA SER A 37 11.73 -6.64 -14.50
C SER A 37 12.91 -6.90 -13.56
N GLY A 38 12.90 -8.07 -12.93
CA GLY A 38 13.97 -8.42 -12.01
C GLY A 38 15.34 -8.06 -12.55
N PRO A 39 16.26 -7.68 -11.65
CA PRO A 39 17.62 -7.30 -12.02
C PRO A 39 18.44 -8.50 -12.50
N SER A 40 17.85 -9.69 -12.42
CA SER A 40 18.52 -10.91 -12.84
C SER A 40 19.44 -10.65 -14.04
N SER A 41 20.68 -11.11 -13.94
CA SER A 41 21.65 -10.92 -15.00
C SER A 41 22.78 -11.95 -14.89
N GLY A 42 23.18 -12.50 -16.04
CA GLY A 42 24.24 -13.49 -16.06
C GLY A 42 25.32 -13.20 -15.03
ZN ZN B . -0.88 0.54 -2.59
N GLY A 1 -26.23 -2.37 7.63
CA GLY A 1 -25.46 -3.01 6.59
C GLY A 1 -24.07 -2.41 6.43
N SER A 2 -23.28 -2.47 7.49
CA SER A 2 -21.92 -1.92 7.47
C SER A 2 -21.16 -2.31 8.72
N SER A 3 -19.87 -2.59 8.56
CA SER A 3 -19.02 -2.97 9.68
C SER A 3 -18.16 -1.80 10.14
N GLY A 4 -17.60 -1.07 9.19
CA GLY A 4 -16.76 0.06 9.52
C GLY A 4 -15.30 -0.31 9.68
N SER A 5 -14.51 0.61 10.22
CA SER A 5 -13.08 0.37 10.41
C SER A 5 -12.81 -0.11 11.83
N SER A 6 -11.76 -0.92 11.99
CA SER A 6 -11.39 -1.46 13.28
C SER A 6 -10.48 -0.49 14.04
N GLY A 7 -9.39 -0.10 13.39
CA GLY A 7 -8.44 0.81 14.01
C GLY A 7 -7.44 1.37 13.01
N GLU A 8 -7.82 2.44 12.33
CA GLU A 8 -6.95 3.07 11.34
C GLU A 8 -5.48 2.99 11.79
N LYS A 9 -4.58 2.98 10.81
CA LYS A 9 -3.16 2.90 11.10
C LYS A 9 -2.45 4.18 10.64
N PRO A 10 -1.25 4.41 11.19
CA PRO A 10 -0.44 5.60 10.86
C PRO A 10 0.11 5.53 9.44
N TYR A 11 -0.05 4.38 8.80
CA TYR A 11 0.44 4.19 7.43
C TYR A 11 -0.70 3.77 6.50
N SER A 12 -0.93 4.59 5.47
CA SER A 12 -1.99 4.31 4.51
C SER A 12 -1.49 4.52 3.08
N CYS A 13 -2.12 3.83 2.14
CA CYS A 13 -1.74 3.93 0.73
C CYS A 13 -2.82 4.64 -0.07
N ALA A 14 -2.41 5.53 -0.97
CA ALA A 14 -3.34 6.28 -1.81
C ALA A 14 -3.43 5.67 -3.20
N GLU A 15 -3.25 4.35 -3.28
CA GLU A 15 -3.32 3.65 -4.56
C GLU A 15 -4.24 2.44 -4.48
N CYS A 16 -4.12 1.70 -3.39
CA CYS A 16 -4.96 0.51 -3.18
C CYS A 16 -5.72 0.61 -1.86
N LYS A 17 -5.46 1.66 -1.11
CA LYS A 17 -6.13 1.87 0.17
C LYS A 17 -5.80 0.76 1.15
N GLU A 18 -4.51 0.41 1.23
CA GLU A 18 -4.06 -0.64 2.13
C GLU A 18 -3.36 -0.05 3.35
N THR A 19 -3.80 -0.48 4.53
CA THR A 19 -3.23 0.00 5.78
C THR A 19 -2.06 -0.86 6.22
N PHE A 20 -0.97 -0.22 6.64
CA PHE A 20 0.21 -0.93 7.09
C PHE A 20 0.55 -0.58 8.54
N SER A 21 1.08 -1.55 9.28
CA SER A 21 1.43 -1.34 10.67
C SER A 21 2.84 -0.75 10.79
N ASP A 22 3.72 -1.14 9.88
CA ASP A 22 5.09 -0.66 9.87
C ASP A 22 5.40 0.08 8.59
N ASN A 23 6.13 1.19 8.70
CA ASN A 23 6.50 1.99 7.54
C ASN A 23 7.25 1.14 6.51
N ASN A 24 8.25 0.41 6.97
CA ASN A 24 9.05 -0.45 6.10
C ASN A 24 8.16 -1.20 5.12
N ARG A 25 7.13 -1.86 5.64
CA ARG A 25 6.20 -2.61 4.80
C ARG A 25 5.58 -1.72 3.74
N LEU A 26 5.14 -0.53 4.15
CA LEU A 26 4.52 0.41 3.22
C LEU A 26 5.50 0.83 2.13
N VAL A 27 6.67 1.29 2.54
CA VAL A 27 7.70 1.72 1.59
C VAL A 27 7.94 0.65 0.53
N GLN A 28 8.23 -0.56 0.97
CA GLN A 28 8.48 -1.67 0.05
C GLN A 28 7.25 -1.94 -0.82
N HIS A 29 6.09 -1.96 -0.19
CA HIS A 29 4.84 -2.23 -0.89
C HIS A 29 4.69 -1.28 -2.09
N GLN A 30 4.92 0.01 -1.84
CA GLN A 30 4.80 1.02 -2.88
C GLN A 30 5.56 0.59 -4.13
N LYS A 31 6.69 -0.07 -3.94
CA LYS A 31 7.51 -0.54 -5.05
C LYS A 31 6.66 -1.31 -6.07
N MET A 32 5.80 -2.18 -5.56
CA MET A 32 4.93 -2.98 -6.43
C MET A 32 4.06 -2.08 -7.29
N HIS A 33 3.63 -0.95 -6.72
CA HIS A 33 2.79 -0.01 -7.45
C HIS A 33 3.57 0.66 -8.57
N THR A 34 4.84 0.94 -8.33
CA THR A 34 5.70 1.58 -9.31
C THR A 34 6.15 0.59 -10.39
N VAL A 35 5.41 0.57 -11.50
CA VAL A 35 5.73 -0.33 -12.60
C VAL A 35 6.92 0.19 -13.41
N LYS A 36 7.69 -0.74 -13.96
CA LYS A 36 8.87 -0.38 -14.76
C LYS A 36 8.66 -0.75 -16.22
N SER A 37 7.88 0.06 -16.93
CA SER A 37 7.60 -0.18 -18.34
C SER A 37 8.88 -0.54 -19.09
N GLY A 38 8.73 -1.34 -20.13
CA GLY A 38 9.89 -1.76 -20.92
C GLY A 38 9.65 -1.59 -22.41
N PRO A 39 9.02 -2.60 -23.03
CA PRO A 39 8.73 -2.59 -24.47
C PRO A 39 7.66 -1.56 -24.83
N SER A 40 7.09 -0.91 -23.81
CA SER A 40 6.06 0.09 -24.03
C SER A 40 6.65 1.49 -23.97
N SER A 41 6.25 2.33 -24.92
CA SER A 41 6.74 3.72 -24.97
C SER A 41 6.97 4.27 -23.57
N GLY A 42 8.22 4.55 -23.25
CA GLY A 42 8.54 5.09 -21.94
C GLY A 42 9.86 5.85 -21.94
ZN ZN B . -0.92 0.33 -2.32
N GLY A 1 -20.77 -2.40 6.24
CA GLY A 1 -19.82 -3.17 5.46
C GLY A 1 -18.59 -3.55 6.26
N SER A 2 -18.80 -4.33 7.32
CA SER A 2 -17.70 -4.76 8.17
C SER A 2 -17.23 -6.17 7.80
N SER A 3 -16.20 -6.25 6.97
CA SER A 3 -15.67 -7.53 6.52
C SER A 3 -14.44 -7.91 7.34
N GLY A 4 -14.67 -8.58 8.47
CA GLY A 4 -13.56 -8.98 9.32
C GLY A 4 -12.90 -7.81 10.03
N SER A 5 -13.22 -7.64 11.31
CA SER A 5 -12.65 -6.55 12.09
C SER A 5 -11.17 -6.80 12.38
N SER A 6 -10.31 -6.24 11.56
CA SER A 6 -8.87 -6.40 11.73
C SER A 6 -8.28 -5.25 12.52
N GLY A 7 -8.44 -4.03 11.99
CA GLY A 7 -7.91 -2.86 12.66
C GLY A 7 -7.44 -1.80 11.69
N GLU A 8 -7.08 -0.63 12.22
CA GLU A 8 -6.60 0.47 11.39
C GLU A 8 -5.19 0.88 11.80
N LYS A 9 -4.40 1.31 10.81
CA LYS A 9 -3.03 1.73 11.06
C LYS A 9 -2.80 3.16 10.55
N PRO A 10 -1.76 3.81 11.09
CA PRO A 10 -1.41 5.19 10.72
C PRO A 10 -0.87 5.27 9.29
N TYR A 11 -0.46 4.14 8.75
CA TYR A 11 0.08 4.09 7.39
C TYR A 11 -0.96 3.56 6.41
N SER A 12 -1.37 4.41 5.47
CA SER A 12 -2.37 4.03 4.47
C SER A 12 -1.90 4.40 3.07
N CYS A 13 -1.82 3.39 2.19
CA CYS A 13 -1.39 3.61 0.82
C CYS A 13 -2.40 4.46 0.06
N ALA A 14 -1.92 5.56 -0.53
CA ALA A 14 -2.78 6.46 -1.29
C ALA A 14 -2.95 5.97 -2.72
N GLU A 15 -2.74 4.68 -2.94
CA GLU A 15 -2.86 4.09 -4.27
C GLU A 15 -3.87 2.94 -4.27
N CYS A 16 -3.75 2.06 -3.28
CA CYS A 16 -4.64 0.92 -3.17
C CYS A 16 -5.46 1.00 -1.88
N LYS A 17 -5.19 2.01 -1.07
CA LYS A 17 -5.91 2.20 0.18
C LYS A 17 -5.68 1.03 1.12
N GLU A 18 -4.43 0.62 1.26
CA GLU A 18 -4.07 -0.50 2.14
C GLU A 18 -3.41 0.01 3.42
N THR A 19 -3.56 -0.77 4.49
CA THR A 19 -2.98 -0.41 5.77
C THR A 19 -1.72 -1.23 6.07
N PHE A 20 -0.81 -0.65 6.84
CA PHE A 20 0.43 -1.33 7.20
C PHE A 20 0.84 -0.99 8.63
N SER A 21 1.53 -1.93 9.27
CA SER A 21 1.98 -1.74 10.64
C SER A 21 2.93 -0.55 10.74
N ASP A 22 3.98 -0.58 9.94
CA ASP A 22 4.97 0.49 9.94
C ASP A 22 5.24 0.99 8.52
N ASN A 23 6.11 1.98 8.38
CA ASN A 23 6.45 2.54 7.08
C ASN A 23 7.18 1.52 6.22
N ASN A 24 8.30 1.01 6.73
CA ASN A 24 9.09 0.03 6.00
C ASN A 24 8.20 -0.90 5.20
N ARG A 25 7.20 -1.48 5.86
CA ARG A 25 6.27 -2.38 5.20
C ARG A 25 5.56 -1.69 4.04
N LEU A 26 5.06 -0.49 4.29
CA LEU A 26 4.35 0.28 3.28
C LEU A 26 5.28 0.59 2.09
N VAL A 27 6.43 1.18 2.39
CA VAL A 27 7.40 1.52 1.36
C VAL A 27 7.68 0.34 0.45
N GLN A 28 8.07 -0.78 1.05
CA GLN A 28 8.37 -2.00 0.29
C GLN A 28 7.20 -2.36 -0.62
N HIS A 29 5.99 -2.11 -0.15
CA HIS A 29 4.79 -2.42 -0.92
C HIS A 29 4.67 -1.50 -2.14
N GLN A 30 4.77 -0.20 -1.89
CA GLN A 30 4.67 0.79 -2.96
C GLN A 30 5.37 0.29 -4.23
N LYS A 31 6.53 -0.31 -4.05
CA LYS A 31 7.30 -0.84 -5.17
C LYS A 31 6.40 -1.53 -6.18
N MET A 32 5.49 -2.36 -5.68
CA MET A 32 4.57 -3.08 -6.54
C MET A 32 3.88 -2.14 -7.52
N HIS A 33 3.53 -0.95 -7.03
CA HIS A 33 2.87 0.05 -7.86
C HIS A 33 3.81 0.56 -8.95
N THR A 34 5.08 0.70 -8.60
CA THR A 34 6.09 1.18 -9.54
C THR A 34 6.97 0.05 -10.04
N VAL A 35 6.83 -0.30 -11.32
CA VAL A 35 7.61 -1.36 -11.92
C VAL A 35 9.04 -0.90 -12.20
N LYS A 36 10.02 -1.66 -11.70
CA LYS A 36 11.41 -1.33 -11.91
C LYS A 36 12.32 -2.43 -11.36
N SER A 37 13.63 -2.28 -11.57
CA SER A 37 14.60 -3.26 -11.10
C SER A 37 14.12 -4.68 -11.40
N GLY A 38 13.58 -4.87 -12.60
CA GLY A 38 13.10 -6.18 -13.00
C GLY A 38 11.59 -6.30 -12.87
N PRO A 39 11.01 -7.25 -13.62
CA PRO A 39 9.56 -7.49 -13.60
C PRO A 39 9.08 -8.09 -12.28
N SER A 40 9.93 -8.93 -11.69
CA SER A 40 9.60 -9.59 -10.43
C SER A 40 10.80 -10.38 -9.89
N SER A 41 10.63 -10.95 -8.71
CA SER A 41 11.69 -11.73 -8.08
C SER A 41 12.47 -12.53 -9.13
N GLY A 42 11.74 -13.38 -9.86
CA GLY A 42 12.38 -14.19 -10.89
C GLY A 42 11.37 -14.77 -11.86
ZN ZN B . -0.56 0.40 -2.52
N GLY A 1 -21.76 5.51 6.77
CA GLY A 1 -21.64 4.79 8.02
C GLY A 1 -20.56 5.37 8.91
N SER A 2 -20.86 5.48 10.21
CA SER A 2 -19.89 6.02 11.17
C SER A 2 -18.68 5.10 11.30
N SER A 3 -18.93 3.86 11.74
CA SER A 3 -17.87 2.89 11.93
C SER A 3 -17.91 1.83 10.84
N GLY A 4 -16.75 1.47 10.31
CA GLY A 4 -16.67 0.47 9.27
C GLY A 4 -15.30 0.38 8.64
N SER A 5 -14.33 -0.11 9.40
CA SER A 5 -12.96 -0.24 8.91
C SER A 5 -12.29 -1.46 9.50
N SER A 6 -11.14 -1.83 8.94
CA SER A 6 -10.39 -2.99 9.41
C SER A 6 -9.16 -2.56 10.20
N GLY A 7 -8.47 -1.53 9.71
CA GLY A 7 -7.29 -1.04 10.39
C GLY A 7 -7.09 0.45 10.20
N GLU A 8 -6.73 1.14 11.28
CA GLU A 8 -6.52 2.58 11.22
C GLU A 8 -5.06 2.92 11.51
N LYS A 9 -4.15 2.22 10.84
CA LYS A 9 -2.71 2.45 11.03
C LYS A 9 -2.30 3.80 10.45
N PRO A 10 -1.18 4.34 10.95
CA PRO A 10 -0.65 5.63 10.50
C PRO A 10 -0.09 5.55 9.08
N TYR A 11 0.04 4.33 8.56
CA TYR A 11 0.57 4.13 7.22
C TYR A 11 -0.52 3.60 6.30
N SER A 12 -0.93 4.43 5.35
CA SER A 12 -1.97 4.05 4.40
C SER A 12 -1.49 4.25 2.96
N CYS A 13 -2.07 3.50 2.03
CA CYS A 13 -1.71 3.59 0.62
C CYS A 13 -2.81 4.27 -0.18
N ALA A 14 -2.53 5.47 -0.68
CA ALA A 14 -3.50 6.21 -1.47
C ALA A 14 -3.62 5.64 -2.89
N GLU A 15 -2.96 4.52 -3.11
CA GLU A 15 -2.99 3.87 -4.43
C GLU A 15 -4.00 2.73 -4.45
N CYS A 16 -3.94 1.86 -3.44
CA CYS A 16 -4.85 0.74 -3.36
C CYS A 16 -5.71 0.83 -2.09
N LYS A 17 -5.41 1.83 -1.26
CA LYS A 17 -6.15 2.02 -0.02
C LYS A 17 -5.88 0.89 0.97
N GLU A 18 -4.60 0.57 1.17
CA GLU A 18 -4.21 -0.49 2.09
C GLU A 18 -3.54 0.09 3.32
N THR A 19 -3.63 -0.66 4.43
CA THR A 19 -3.03 -0.22 5.69
C THR A 19 -1.82 -1.07 6.05
N PHE A 20 -0.88 -0.49 6.77
CA PHE A 20 0.33 -1.19 7.18
C PHE A 20 0.68 -0.87 8.63
N SER A 21 1.32 -1.82 9.31
CA SER A 21 1.71 -1.64 10.71
C SER A 21 2.86 -0.66 10.82
N ASP A 22 3.90 -0.88 10.02
CA ASP A 22 5.07 -0.01 10.03
C ASP A 22 5.33 0.58 8.65
N ASN A 23 6.13 1.63 8.60
CA ASN A 23 6.45 2.29 7.33
C ASN A 23 7.17 1.33 6.39
N ASN A 24 8.25 0.73 6.88
CA ASN A 24 9.02 -0.21 6.08
C ASN A 24 8.12 -1.07 5.20
N ARG A 25 7.19 -1.78 5.84
CA ARG A 25 6.25 -2.64 5.11
C ARG A 25 5.58 -1.87 3.97
N LEU A 26 5.21 -0.62 4.25
CA LEU A 26 4.55 0.22 3.25
C LEU A 26 5.52 0.58 2.13
N VAL A 27 6.67 1.14 2.50
CA VAL A 27 7.67 1.53 1.53
C VAL A 27 7.94 0.41 0.53
N GLN A 28 8.10 -0.81 1.04
CA GLN A 28 8.35 -1.96 0.19
C GLN A 28 7.17 -2.25 -0.71
N HIS A 29 5.96 -2.11 -0.17
CA HIS A 29 4.75 -2.35 -0.93
C HIS A 29 4.58 -1.29 -2.03
N GLN A 30 4.95 -0.06 -1.72
CA GLN A 30 4.83 1.03 -2.68
C GLN A 30 5.54 0.69 -3.99
N LYS A 31 6.61 -0.10 -3.89
CA LYS A 31 7.38 -0.50 -5.06
C LYS A 31 6.52 -1.34 -6.01
N MET A 32 5.53 -2.02 -5.45
CA MET A 32 4.64 -2.86 -6.25
C MET A 32 3.63 -2.00 -7.01
N HIS A 33 3.69 -0.69 -6.81
CA HIS A 33 2.78 0.23 -7.48
C HIS A 33 3.51 0.98 -8.60
N THR A 34 4.62 0.42 -9.07
CA THR A 34 5.41 1.02 -10.13
C THR A 34 5.54 0.08 -11.32
N VAL A 35 5.64 0.65 -12.51
CA VAL A 35 5.79 -0.13 -13.73
C VAL A 35 6.90 0.42 -14.62
N LYS A 36 7.85 -0.43 -14.97
CA LYS A 36 8.97 -0.03 -15.82
C LYS A 36 8.58 -0.09 -17.29
N SER A 37 8.05 -1.23 -17.71
CA SER A 37 7.63 -1.43 -19.09
C SER A 37 6.22 -0.90 -19.32
N GLY A 38 5.99 -0.33 -20.49
CA GLY A 38 4.68 0.21 -20.82
C GLY A 38 4.13 1.08 -19.72
N PRO A 39 4.70 2.28 -19.56
CA PRO A 39 4.27 3.24 -18.54
C PRO A 39 2.90 3.83 -18.83
N SER A 40 2.03 3.83 -17.82
CA SER A 40 0.69 4.36 -17.97
C SER A 40 0.10 4.73 -16.62
N SER A 41 -0.43 5.95 -16.53
CA SER A 41 -1.02 6.44 -15.28
C SER A 41 -1.91 7.65 -15.55
N GLY A 42 -3.18 7.55 -15.19
CA GLY A 42 -4.11 8.64 -15.39
C GLY A 42 -3.90 9.34 -16.72
ZN ZN B . -0.82 0.18 -2.44
N GLY A 1 -2.98 13.52 17.16
CA GLY A 1 -3.70 13.46 18.41
C GLY A 1 -5.15 13.87 18.27
N SER A 2 -5.91 13.07 17.52
CA SER A 2 -7.32 13.37 17.29
C SER A 2 -8.19 12.17 17.68
N SER A 3 -9.38 12.45 18.22
CA SER A 3 -10.29 11.41 18.64
C SER A 3 -11.51 11.35 17.72
N GLY A 4 -11.87 10.14 17.29
CA GLY A 4 -13.01 9.97 16.41
C GLY A 4 -13.37 8.51 16.22
N SER A 5 -14.37 8.26 15.38
CA SER A 5 -14.82 6.89 15.11
C SER A 5 -13.93 6.23 14.06
N SER A 6 -12.62 6.47 14.17
CA SER A 6 -11.67 5.89 13.22
C SER A 6 -10.23 6.12 13.70
N GLY A 7 -9.44 5.06 13.67
CA GLY A 7 -8.06 5.16 14.09
C GLY A 7 -7.13 4.26 13.30
N GLU A 8 -7.24 4.31 11.97
CA GLU A 8 -6.41 3.48 11.11
C GLU A 8 -4.93 3.70 11.40
N LYS A 9 -4.11 2.72 11.05
CA LYS A 9 -2.68 2.79 11.27
C LYS A 9 -2.11 4.09 10.70
N PRO A 10 -0.94 4.50 11.20
CA PRO A 10 -0.26 5.72 10.76
C PRO A 10 0.29 5.59 9.34
N TYR A 11 0.14 4.41 8.75
CA TYR A 11 0.62 4.15 7.41
C TYR A 11 -0.51 3.62 6.52
N SER A 12 -0.79 4.35 5.44
CA SER A 12 -1.84 3.96 4.51
C SER A 12 -1.43 4.24 3.07
N CYS A 13 -1.99 3.48 2.14
CA CYS A 13 -1.68 3.65 0.72
C CYS A 13 -2.68 4.59 0.06
N ALA A 14 -2.33 5.08 -1.13
CA ALA A 14 -3.20 5.98 -1.88
C ALA A 14 -3.74 5.31 -3.13
N GLU A 15 -2.96 4.38 -3.68
CA GLU A 15 -3.37 3.67 -4.89
C GLU A 15 -4.37 2.56 -4.56
N CYS A 16 -4.00 1.69 -3.63
CA CYS A 16 -4.86 0.59 -3.21
C CYS A 16 -5.62 0.94 -1.94
N LYS A 17 -5.10 1.91 -1.20
CA LYS A 17 -5.73 2.34 0.05
C LYS A 17 -5.68 1.23 1.10
N GLU A 18 -4.50 0.62 1.25
CA GLU A 18 -4.33 -0.45 2.21
C GLU A 18 -3.63 0.06 3.47
N THR A 19 -3.80 -0.68 4.57
CA THR A 19 -3.19 -0.30 5.84
C THR A 19 -1.92 -1.09 6.10
N PHE A 20 -1.00 -0.50 6.87
CA PHE A 20 0.26 -1.15 7.20
C PHE A 20 0.65 -0.89 8.65
N SER A 21 1.24 -1.89 9.28
CA SER A 21 1.66 -1.78 10.67
C SER A 21 2.81 -0.79 10.82
N ASP A 22 3.85 -0.98 9.99
CA ASP A 22 5.02 -0.11 10.03
C ASP A 22 5.26 0.51 8.65
N ASN A 23 6.15 1.50 8.61
CA ASN A 23 6.48 2.18 7.36
C ASN A 23 7.18 1.23 6.39
N ASN A 24 8.27 0.63 6.86
CA ASN A 24 9.04 -0.30 6.03
C ASN A 24 8.12 -1.13 5.15
N ARG A 25 7.07 -1.69 5.76
CA ARG A 25 6.12 -2.52 5.03
C ARG A 25 5.43 -1.71 3.93
N LEU A 26 5.00 -0.51 4.28
CA LEU A 26 4.33 0.37 3.32
C LEU A 26 5.27 0.76 2.18
N VAL A 27 6.44 1.28 2.54
CA VAL A 27 7.43 1.69 1.55
C VAL A 27 7.67 0.58 0.54
N GLN A 28 8.05 -0.60 1.02
CA GLN A 28 8.32 -1.74 0.16
C GLN A 28 7.11 -2.06 -0.71
N HIS A 29 5.93 -2.05 -0.11
CA HIS A 29 4.70 -2.34 -0.83
C HIS A 29 4.55 -1.41 -2.04
N GLN A 30 4.67 -0.12 -1.80
CA GLN A 30 4.55 0.87 -2.86
C GLN A 30 5.39 0.48 -4.08
N LYS A 31 6.58 -0.06 -3.81
CA LYS A 31 7.47 -0.49 -4.88
C LYS A 31 6.71 -1.18 -6.00
N MET A 32 5.81 -2.08 -5.64
CA MET A 32 5.01 -2.81 -6.61
C MET A 32 4.18 -1.83 -7.46
N HIS A 33 3.62 -0.83 -6.81
CA HIS A 33 2.80 0.17 -7.50
C HIS A 33 3.64 0.95 -8.50
N THR A 34 4.90 1.24 -8.13
CA THR A 34 5.80 1.98 -8.99
C THR A 34 6.33 1.12 -10.12
N VAL A 35 6.09 1.55 -11.35
CA VAL A 35 6.55 0.81 -12.53
C VAL A 35 7.87 1.36 -13.05
N LYS A 36 7.98 2.68 -13.09
CA LYS A 36 9.20 3.34 -13.57
C LYS A 36 9.79 2.58 -14.75
N SER A 37 8.93 2.02 -15.60
CA SER A 37 9.38 1.27 -16.75
C SER A 37 8.79 1.85 -18.04
N GLY A 38 8.80 3.17 -18.13
CA GLY A 38 8.26 3.84 -19.32
C GLY A 38 8.30 5.34 -19.19
N PRO A 39 7.89 6.04 -20.27
CA PRO A 39 7.87 7.50 -20.31
C PRO A 39 6.81 8.09 -19.40
N SER A 40 6.11 7.23 -18.67
CA SER A 40 5.06 7.67 -17.75
C SER A 40 5.26 7.07 -16.37
N SER A 41 5.44 7.94 -15.38
CA SER A 41 5.64 7.51 -14.00
C SER A 41 4.55 8.04 -13.09
N GLY A 42 4.22 9.32 -13.26
CA GLY A 42 3.19 9.92 -12.45
C GLY A 42 1.95 9.05 -12.33
ZN ZN B . -0.81 0.08 -2.36
N GLY A 1 -21.13 -1.58 9.09
CA GLY A 1 -21.39 -0.92 10.35
C GLY A 1 -20.13 -0.68 11.15
N SER A 2 -20.29 -0.13 12.35
CA SER A 2 -19.16 0.15 13.22
C SER A 2 -19.15 -0.77 14.43
N SER A 3 -19.39 -2.06 14.20
CA SER A 3 -19.42 -3.04 15.27
C SER A 3 -18.01 -3.48 15.65
N GLY A 4 -17.11 -2.51 15.77
CA GLY A 4 -15.73 -2.83 16.12
C GLY A 4 -14.91 -1.59 16.41
N SER A 5 -14.84 -1.20 17.68
CA SER A 5 -14.10 -0.01 18.08
C SER A 5 -12.61 -0.35 18.24
N SER A 6 -11.86 -0.14 17.17
CA SER A 6 -10.42 -0.42 17.19
C SER A 6 -9.62 0.82 16.82
N GLY A 7 -9.83 1.31 15.60
CA GLY A 7 -9.12 2.50 15.15
C GLY A 7 -8.60 2.35 13.73
N GLU A 8 -7.30 2.59 13.55
CA GLU A 8 -6.69 2.49 12.23
C GLU A 8 -5.16 2.59 12.33
N LYS A 9 -4.48 2.36 11.21
CA LYS A 9 -3.03 2.43 11.18
C LYS A 9 -2.57 3.78 10.65
N PRO A 10 -1.45 4.28 11.22
CA PRO A 10 -0.87 5.57 10.81
C PRO A 10 -0.27 5.53 9.42
N TYR A 11 -0.23 4.34 8.83
CA TYR A 11 0.33 4.16 7.50
C TYR A 11 -0.76 3.77 6.50
N SER A 12 -0.79 4.48 5.36
CA SER A 12 -1.78 4.21 4.33
C SER A 12 -1.16 4.33 2.94
N CYS A 13 -1.74 3.61 1.99
CA CYS A 13 -1.25 3.62 0.61
C CYS A 13 -2.18 4.42 -0.29
N ALA A 14 -1.61 5.37 -1.03
CA ALA A 14 -2.39 6.20 -1.94
C ALA A 14 -2.56 5.53 -3.30
N GLU A 15 -2.63 4.20 -3.28
CA GLU A 15 -2.79 3.44 -4.52
C GLU A 15 -3.88 2.38 -4.37
N CYS A 16 -3.72 1.51 -3.38
CA CYS A 16 -4.69 0.45 -3.13
C CYS A 16 -5.47 0.72 -1.84
N LYS A 17 -5.10 1.79 -1.14
CA LYS A 17 -5.75 2.15 0.11
C LYS A 17 -5.60 1.06 1.16
N GLU A 18 -4.41 0.49 1.24
CA GLU A 18 -4.14 -0.57 2.20
C GLU A 18 -3.51 -0.02 3.47
N THR A 19 -3.77 -0.67 4.60
CA THR A 19 -3.24 -0.24 5.88
C THR A 19 -2.10 -1.14 6.33
N PHE A 20 -1.04 -0.54 6.86
CA PHE A 20 0.11 -1.28 7.33
C PHE A 20 0.46 -0.91 8.78
N SER A 21 1.18 -1.81 9.46
CA SER A 21 1.56 -1.57 10.84
C SER A 21 2.87 -0.79 10.92
N ASP A 22 3.80 -1.13 10.02
CA ASP A 22 5.09 -0.45 9.98
C ASP A 22 5.27 0.33 8.69
N ASN A 23 6.16 1.31 8.70
CA ASN A 23 6.41 2.13 7.53
C ASN A 23 7.15 1.33 6.46
N ASN A 24 8.21 0.64 6.86
CA ASN A 24 9.00 -0.17 5.93
C ASN A 24 8.09 -0.92 4.97
N ARG A 25 7.19 -1.73 5.52
CA ARG A 25 6.27 -2.50 4.70
C ARG A 25 5.57 -1.62 3.68
N LEU A 26 5.04 -0.50 4.15
CA LEU A 26 4.34 0.44 3.27
C LEU A 26 5.23 0.87 2.11
N VAL A 27 6.43 1.34 2.43
CA VAL A 27 7.38 1.79 1.42
C VAL A 27 7.63 0.70 0.38
N GLN A 28 8.15 -0.43 0.84
CA GLN A 28 8.43 -1.56 -0.05
C GLN A 28 7.20 -1.94 -0.86
N HIS A 29 6.04 -1.87 -0.22
CA HIS A 29 4.78 -2.20 -0.89
C HIS A 29 4.49 -1.22 -2.02
N GLN A 30 4.60 0.06 -1.72
CA GLN A 30 4.34 1.11 -2.72
C GLN A 30 5.04 0.78 -4.04
N LYS A 31 6.21 0.16 -3.94
CA LYS A 31 6.98 -0.21 -5.13
C LYS A 31 6.17 -1.13 -6.03
N MET A 32 5.42 -2.04 -5.42
CA MET A 32 4.60 -2.98 -6.18
C MET A 32 3.64 -2.24 -7.10
N HIS A 33 3.49 -0.94 -6.88
CA HIS A 33 2.60 -0.12 -7.69
C HIS A 33 3.37 0.62 -8.77
N THR A 34 4.60 1.02 -8.44
CA THR A 34 5.44 1.75 -9.38
C THR A 34 6.24 0.78 -10.26
N VAL A 35 5.71 -0.42 -10.44
CA VAL A 35 6.37 -1.43 -11.25
C VAL A 35 5.88 -1.38 -12.69
N LYS A 36 6.69 -1.91 -13.61
CA LYS A 36 6.34 -1.92 -15.02
C LYS A 36 6.36 -3.34 -15.57
N SER A 37 5.78 -4.27 -14.82
CA SER A 37 5.74 -5.67 -15.23
C SER A 37 4.36 -6.04 -15.79
N GLY A 38 3.76 -5.10 -16.53
CA GLY A 38 2.46 -5.34 -17.11
C GLY A 38 1.69 -4.05 -17.36
N PRO A 39 0.84 -3.66 -16.41
CA PRO A 39 0.03 -2.45 -16.51
C PRO A 39 0.88 -1.18 -16.41
N SER A 40 0.29 -0.05 -16.76
CA SER A 40 0.98 1.23 -16.71
C SER A 40 0.78 1.91 -15.36
N SER A 41 1.78 2.69 -14.94
CA SER A 41 1.72 3.39 -13.67
C SER A 41 2.19 4.83 -13.81
N GLY A 42 1.28 5.77 -13.61
CA GLY A 42 1.62 7.17 -13.72
C GLY A 42 2.63 7.44 -14.82
ZN ZN B . -0.83 -0.12 -2.24
N GLY A 1 -23.23 -5.87 15.09
CA GLY A 1 -22.29 -4.83 15.47
C GLY A 1 -20.89 -5.38 15.71
N SER A 2 -19.97 -5.02 14.83
CA SER A 2 -18.59 -5.47 14.94
C SER A 2 -17.78 -4.55 15.83
N SER A 3 -17.35 -5.07 16.99
CA SER A 3 -16.57 -4.28 17.94
C SER A 3 -15.15 -4.82 18.04
N GLY A 4 -14.22 -4.13 17.40
CA GLY A 4 -12.84 -4.56 17.43
C GLY A 4 -11.88 -3.47 16.95
N SER A 5 -11.17 -3.74 15.86
CA SER A 5 -10.23 -2.78 15.31
C SER A 5 -10.93 -1.80 14.38
N SER A 6 -10.84 -0.52 14.71
CA SER A 6 -11.46 0.53 13.91
C SER A 6 -10.86 0.58 12.52
N GLY A 7 -9.55 0.79 12.46
CA GLY A 7 -8.86 0.86 11.18
C GLY A 7 -8.29 2.24 10.90
N GLU A 8 -7.49 2.74 11.82
CA GLU A 8 -6.88 4.06 11.67
C GLU A 8 -5.35 3.96 11.68
N LYS A 9 -4.83 2.95 11.00
CA LYS A 9 -3.39 2.75 10.93
C LYS A 9 -2.68 4.03 10.50
N PRO A 10 -1.45 4.21 11.00
CA PRO A 10 -0.63 5.39 10.68
C PRO A 10 -0.16 5.40 9.23
N TYR A 11 -0.20 4.23 8.59
CA TYR A 11 0.23 4.09 7.21
C TYR A 11 -0.93 3.65 6.33
N SER A 12 -1.21 4.44 5.29
CA SER A 12 -2.29 4.14 4.36
C SER A 12 -1.90 4.47 2.93
N CYS A 13 -1.92 3.46 2.07
CA CYS A 13 -1.56 3.63 0.67
C CYS A 13 -2.59 4.50 -0.05
N ALA A 14 -2.11 5.54 -0.72
CA ALA A 14 -2.99 6.45 -1.45
C ALA A 14 -3.29 5.92 -2.85
N GLU A 15 -3.16 4.60 -3.02
CA GLU A 15 -3.41 3.97 -4.30
C GLU A 15 -4.42 2.82 -4.15
N CYS A 16 -4.06 1.84 -3.34
CA CYS A 16 -4.93 0.69 -3.11
C CYS A 16 -5.68 0.82 -1.79
N LYS A 17 -5.37 1.88 -1.05
CA LYS A 17 -6.01 2.13 0.25
C LYS A 17 -5.72 1.00 1.22
N GLU A 18 -4.46 0.55 1.25
CA GLU A 18 -4.06 -0.52 2.14
C GLU A 18 -3.40 0.03 3.40
N THR A 19 -3.75 -0.53 4.55
CA THR A 19 -3.19 -0.08 5.83
C THR A 19 -2.01 -0.97 6.23
N PHE A 20 -0.98 -0.33 6.79
CA PHE A 20 0.21 -1.06 7.23
C PHE A 20 0.58 -0.67 8.67
N SER A 21 1.10 -1.64 9.42
CA SER A 21 1.49 -1.42 10.80
C SER A 21 2.83 -0.69 10.87
N ASP A 22 3.74 -1.04 9.97
CA ASP A 22 5.05 -0.43 9.92
C ASP A 22 5.26 0.32 8.62
N ASN A 23 6.29 1.17 8.58
CA ASN A 23 6.60 1.95 7.40
C ASN A 23 7.27 1.09 6.33
N ASN A 24 8.29 0.36 6.72
CA ASN A 24 9.02 -0.52 5.80
C ASN A 24 8.05 -1.21 4.84
N ARG A 25 7.10 -1.95 5.39
CA ARG A 25 6.12 -2.65 4.58
C ARG A 25 5.48 -1.73 3.56
N LEU A 26 5.10 -0.54 4.00
CA LEU A 26 4.48 0.46 3.12
C LEU A 26 5.45 0.90 2.04
N VAL A 27 6.61 1.41 2.45
CA VAL A 27 7.62 1.87 1.50
C VAL A 27 7.90 0.81 0.44
N GLN A 28 8.22 -0.40 0.89
CA GLN A 28 8.50 -1.50 -0.03
C GLN A 28 7.28 -1.84 -0.88
N HIS A 29 6.11 -1.80 -0.25
CA HIS A 29 4.86 -2.11 -0.94
C HIS A 29 4.65 -1.16 -2.11
N GLN A 30 4.83 0.13 -1.87
CA GLN A 30 4.65 1.15 -2.90
C GLN A 30 5.49 0.82 -4.14
N LYS A 31 6.64 0.19 -3.90
CA LYS A 31 7.54 -0.18 -5.00
C LYS A 31 6.92 -1.27 -5.87
N MET A 32 6.05 -2.07 -5.27
CA MET A 32 5.39 -3.15 -5.99
C MET A 32 4.33 -2.60 -6.93
N HIS A 33 3.80 -1.43 -6.60
CA HIS A 33 2.78 -0.79 -7.43
C HIS A 33 3.34 -0.39 -8.79
N THR A 34 4.60 0.04 -8.79
CA THR A 34 5.26 0.45 -10.03
C THR A 34 5.08 -0.60 -11.13
N VAL A 35 4.29 -0.27 -12.14
CA VAL A 35 4.03 -1.17 -13.25
C VAL A 35 4.35 -0.52 -14.58
N LYS A 36 5.29 -1.11 -15.32
CA LYS A 36 5.68 -0.59 -16.62
C LYS A 36 5.25 -1.52 -17.75
N SER A 37 4.91 -0.93 -18.90
CA SER A 37 4.47 -1.71 -20.04
C SER A 37 5.66 -2.17 -20.88
N GLY A 38 6.51 -1.21 -21.26
CA GLY A 38 7.68 -1.52 -22.05
C GLY A 38 8.84 -0.60 -21.77
N PRO A 39 9.78 -0.50 -22.72
CA PRO A 39 10.97 0.35 -22.59
C PRO A 39 10.63 1.84 -22.64
N SER A 40 11.03 2.56 -21.60
CA SER A 40 10.77 3.99 -21.53
C SER A 40 11.73 4.67 -20.55
N SER A 41 12.01 5.94 -20.79
CA SER A 41 12.91 6.71 -19.94
C SER A 41 12.54 8.19 -19.94
N GLY A 42 12.90 8.89 -18.87
CA GLY A 42 12.60 10.30 -18.77
C GLY A 42 13.54 11.15 -19.60
ZN ZN B . -0.81 0.14 -2.41
N GLY A 1 -24.01 -6.74 5.43
CA GLY A 1 -23.05 -7.70 4.94
C GLY A 1 -21.67 -7.52 5.56
N SER A 2 -20.65 -8.00 4.86
CA SER A 2 -19.28 -7.89 5.36
C SER A 2 -18.46 -6.96 4.48
N SER A 3 -17.61 -6.15 5.11
CA SER A 3 -16.77 -5.21 4.38
C SER A 3 -15.32 -5.68 4.35
N GLY A 4 -14.82 -6.14 5.50
CA GLY A 4 -13.46 -6.62 5.59
C GLY A 4 -12.50 -5.55 6.08
N SER A 5 -12.87 -4.88 7.17
CA SER A 5 -12.04 -3.83 7.74
C SER A 5 -11.37 -4.30 9.02
N SER A 6 -10.04 -4.37 9.01
CA SER A 6 -9.28 -4.81 10.16
C SER A 6 -8.62 -3.63 10.86
N GLY A 7 -9.38 -2.96 11.74
CA GLY A 7 -8.86 -1.82 12.46
C GLY A 7 -8.26 -0.77 11.53
N GLU A 8 -7.48 0.14 12.10
CA GLU A 8 -6.85 1.20 11.32
C GLU A 8 -5.36 1.27 11.60
N LYS A 9 -4.63 1.93 10.71
CA LYS A 9 -3.18 2.06 10.85
C LYS A 9 -2.72 3.45 10.40
N PRO A 10 -1.62 3.93 10.98
CA PRO A 10 -1.05 5.24 10.65
C PRO A 10 -0.44 5.26 9.26
N TYR A 11 -0.33 4.10 8.64
CA TYR A 11 0.24 3.99 7.29
C TYR A 11 -0.80 3.48 6.31
N SER A 12 -1.30 4.39 5.46
CA SER A 12 -2.29 4.04 4.46
C SER A 12 -1.84 4.44 3.07
N CYS A 13 -1.92 3.51 2.12
CA CYS A 13 -1.51 3.77 0.75
C CYS A 13 -2.59 4.56 0.01
N ALA A 14 -2.19 5.67 -0.60
CA ALA A 14 -3.13 6.51 -1.35
C ALA A 14 -3.31 5.99 -2.77
N GLU A 15 -3.03 4.70 -2.97
CA GLU A 15 -3.16 4.09 -4.29
C GLU A 15 -4.12 2.90 -4.24
N CYS A 16 -3.84 1.95 -3.35
CA CYS A 16 -4.67 0.77 -3.21
C CYS A 16 -5.47 0.83 -1.90
N LYS A 17 -5.22 1.86 -1.10
CA LYS A 17 -5.91 2.02 0.17
C LYS A 17 -5.63 0.85 1.11
N GLU A 18 -4.36 0.50 1.23
CA GLU A 18 -3.95 -0.60 2.11
C GLU A 18 -3.34 -0.08 3.40
N THR A 19 -3.69 -0.69 4.52
CA THR A 19 -3.18 -0.29 5.82
C THR A 19 -1.95 -1.10 6.20
N PHE A 20 -0.99 -0.45 6.85
CA PHE A 20 0.24 -1.11 7.27
C PHE A 20 0.62 -0.70 8.69
N SER A 21 1.15 -1.64 9.45
CA SER A 21 1.56 -1.39 10.83
C SER A 21 2.76 -0.44 10.87
N ASP A 22 3.80 -0.79 10.13
CA ASP A 22 5.02 0.02 10.08
C ASP A 22 5.19 0.65 8.70
N ASN A 23 6.17 1.53 8.58
CA ASN A 23 6.45 2.20 7.32
C ASN A 23 7.22 1.30 6.37
N ASN A 24 8.23 0.63 6.90
CA ASN A 24 9.06 -0.27 6.10
C ASN A 24 8.20 -1.09 5.14
N ARG A 25 7.10 -1.62 5.65
CA ARG A 25 6.19 -2.42 4.83
C ARG A 25 5.56 -1.58 3.73
N LEU A 26 5.19 -0.35 4.07
CA LEU A 26 4.57 0.56 3.11
C LEU A 26 5.57 0.94 2.02
N VAL A 27 6.80 1.26 2.42
CA VAL A 27 7.84 1.63 1.47
C VAL A 27 8.03 0.57 0.39
N GLN A 28 8.42 -0.63 0.82
CA GLN A 28 8.63 -1.74 -0.10
C GLN A 28 7.35 -2.07 -0.86
N HIS A 29 6.22 -2.05 -0.15
CA HIS A 29 4.93 -2.35 -0.76
C HIS A 29 4.70 -1.48 -1.99
N GLN A 30 4.87 -0.17 -1.81
CA GLN A 30 4.67 0.77 -2.91
C GLN A 30 5.38 0.30 -4.18
N LYS A 31 6.55 -0.30 -3.99
CA LYS A 31 7.34 -0.80 -5.11
C LYS A 31 6.47 -1.59 -6.07
N MET A 32 5.46 -2.27 -5.53
CA MET A 32 4.55 -3.07 -6.35
C MET A 32 3.85 -2.21 -7.39
N HIS A 33 3.48 -0.99 -7.00
CA HIS A 33 2.81 -0.07 -7.90
C HIS A 33 3.77 0.46 -8.96
N THR A 34 5.02 0.65 -8.56
CA THR A 34 6.04 1.16 -9.48
C THR A 34 6.40 0.11 -10.53
N VAL A 35 5.92 0.32 -11.76
CA VAL A 35 6.19 -0.59 -12.85
C VAL A 35 7.39 -0.14 -13.67
N LYS A 36 7.67 1.16 -13.62
CA LYS A 36 8.79 1.72 -14.35
C LYS A 36 9.00 0.99 -15.67
N SER A 37 7.93 0.86 -16.44
CA SER A 37 8.00 0.17 -17.73
C SER A 37 8.18 -1.34 -17.54
N GLY A 38 7.41 -1.90 -16.62
CA GLY A 38 7.49 -3.32 -16.35
C GLY A 38 6.86 -4.15 -17.45
N PRO A 39 5.58 -4.52 -17.26
CA PRO A 39 4.84 -5.33 -18.22
C PRO A 39 4.52 -4.56 -19.49
N SER A 40 3.95 -3.37 -19.34
CA SER A 40 3.60 -2.53 -20.48
C SER A 40 3.37 -1.09 -20.04
N SER A 41 4.15 -0.17 -20.60
CA SER A 41 4.03 1.24 -20.26
C SER A 41 2.75 1.83 -20.84
N GLY A 42 2.19 2.83 -20.14
CA GLY A 42 0.97 3.45 -20.59
C GLY A 42 -0.07 2.45 -21.03
ZN ZN B . -0.51 0.42 -2.41
N GLY A 1 -8.29 -2.84 5.21
CA GLY A 1 -8.56 -4.19 5.64
C GLY A 1 -7.55 -5.19 5.09
N SER A 2 -7.00 -6.01 5.97
CA SER A 2 -6.01 -7.01 5.56
C SER A 2 -5.69 -7.96 6.72
N SER A 3 -4.95 -9.02 6.42
CA SER A 3 -4.57 -9.99 7.42
C SER A 3 -3.98 -9.31 8.66
N GLY A 4 -4.78 -9.20 9.71
CA GLY A 4 -4.31 -8.57 10.93
C GLY A 4 -5.44 -8.30 11.91
N SER A 5 -5.09 -7.88 13.12
CA SER A 5 -6.07 -7.60 14.16
C SER A 5 -6.32 -6.10 14.26
N SER A 6 -5.30 -5.31 13.93
CA SER A 6 -5.40 -3.86 13.99
C SER A 6 -5.89 -3.29 12.66
N GLY A 7 -7.06 -2.65 12.70
CA GLY A 7 -7.63 -2.06 11.50
C GLY A 7 -7.09 -0.68 11.21
N GLU A 8 -7.15 0.20 12.21
CA GLU A 8 -6.66 1.56 12.06
C GLU A 8 -5.14 1.60 12.13
N LYS A 9 -4.52 2.27 11.16
CA LYS A 9 -3.07 2.38 11.11
C LYS A 9 -2.66 3.74 10.54
N PRO A 10 -1.52 4.27 11.03
CA PRO A 10 -0.99 5.55 10.57
C PRO A 10 -0.47 5.49 9.14
N TYR A 11 -0.07 4.30 8.71
CA TYR A 11 0.44 4.10 7.36
C TYR A 11 -0.64 3.59 6.42
N SER A 12 -0.93 4.37 5.38
CA SER A 12 -1.95 3.99 4.40
C SER A 12 -1.47 4.26 2.98
N CYS A 13 -1.94 3.46 2.05
CA CYS A 13 -1.56 3.60 0.65
C CYS A 13 -2.60 4.42 -0.12
N ALA A 14 -2.15 5.48 -0.77
CA ALA A 14 -3.04 6.34 -1.54
C ALA A 14 -3.22 5.81 -2.97
N GLU A 15 -3.15 4.49 -3.12
CA GLU A 15 -3.31 3.86 -4.42
C GLU A 15 -4.36 2.75 -4.36
N CYS A 16 -4.19 1.83 -3.42
CA CYS A 16 -5.12 0.72 -3.28
C CYS A 16 -5.89 0.83 -1.96
N LYS A 17 -5.57 1.86 -1.18
CA LYS A 17 -6.23 2.09 0.11
C LYS A 17 -5.89 0.97 1.10
N GLU A 18 -4.61 0.63 1.19
CA GLU A 18 -4.17 -0.41 2.09
C GLU A 18 -3.50 0.18 3.33
N THR A 19 -3.40 -0.62 4.39
CA THR A 19 -2.80 -0.16 5.64
C THR A 19 -1.61 -1.04 6.03
N PHE A 20 -0.71 -0.49 6.82
CA PHE A 20 0.47 -1.22 7.26
C PHE A 20 0.88 -0.82 8.67
N SER A 21 1.22 -1.80 9.50
CA SER A 21 1.62 -1.55 10.87
C SER A 21 2.79 -0.59 10.93
N ASP A 22 3.83 -0.89 10.17
CA ASP A 22 5.03 -0.06 10.13
C ASP A 22 5.20 0.58 8.75
N ASN A 23 6.20 1.44 8.62
CA ASN A 23 6.48 2.12 7.36
C ASN A 23 7.23 1.20 6.40
N ASN A 24 8.25 0.52 6.93
CA ASN A 24 9.05 -0.39 6.12
C ASN A 24 8.17 -1.18 5.16
N ARG A 25 7.11 -1.78 5.68
CA ARG A 25 6.19 -2.57 4.87
C ARG A 25 5.55 -1.70 3.78
N LEU A 26 5.21 -0.47 4.14
CA LEU A 26 4.59 0.46 3.20
C LEU A 26 5.53 0.77 2.05
N VAL A 27 6.77 1.13 2.38
CA VAL A 27 7.77 1.45 1.36
C VAL A 27 7.91 0.32 0.35
N GLN A 28 8.14 -0.89 0.84
CA GLN A 28 8.28 -2.06 -0.03
C GLN A 28 7.05 -2.24 -0.91
N HIS A 29 5.88 -2.01 -0.32
CA HIS A 29 4.62 -2.15 -1.06
C HIS A 29 4.52 -1.11 -2.17
N GLN A 30 4.59 0.16 -1.79
CA GLN A 30 4.52 1.25 -2.75
C GLN A 30 5.35 0.95 -4.00
N LYS A 31 6.46 0.23 -3.79
CA LYS A 31 7.35 -0.14 -4.89
C LYS A 31 6.65 -1.07 -5.86
N MET A 32 5.91 -2.03 -5.32
CA MET A 32 5.18 -3.00 -6.15
C MET A 32 4.26 -2.29 -7.14
N HIS A 33 3.76 -1.13 -6.73
CA HIS A 33 2.85 -0.35 -7.58
C HIS A 33 3.58 0.15 -8.82
N THR A 34 4.89 0.33 -8.70
CA THR A 34 5.71 0.82 -9.81
C THR A 34 5.35 0.10 -11.11
N VAL A 35 5.61 0.75 -12.24
CA VAL A 35 5.32 0.18 -13.54
C VAL A 35 6.35 0.60 -14.57
N LYS A 36 7.23 -0.33 -14.94
CA LYS A 36 8.26 -0.07 -15.92
C LYS A 36 8.32 -1.16 -16.99
N SER A 37 7.51 -1.01 -18.03
CA SER A 37 7.46 -1.98 -19.12
C SER A 37 8.68 -1.85 -20.02
N GLY A 38 8.97 -0.62 -20.43
CA GLY A 38 10.12 -0.38 -21.30
C GLY A 38 10.39 1.10 -21.50
N PRO A 39 11.68 1.45 -21.59
CA PRO A 39 12.10 2.84 -21.78
C PRO A 39 11.76 3.37 -23.17
N SER A 40 11.69 2.47 -24.14
CA SER A 40 11.37 2.84 -25.51
C SER A 40 9.87 3.11 -25.67
N SER A 41 9.51 4.38 -25.73
CA SER A 41 8.10 4.77 -25.87
C SER A 41 7.87 5.46 -27.21
N GLY A 42 7.02 4.86 -28.05
CA GLY A 42 6.73 5.44 -29.34
C GLY A 42 7.98 5.77 -30.12
ZN ZN B . -1.03 0.20 -2.63
N GLY A 1 -22.35 5.71 0.12
CA GLY A 1 -22.08 4.64 -0.84
C GLY A 1 -21.25 3.52 -0.24
N SER A 2 -19.94 3.70 -0.21
CA SER A 2 -19.04 2.69 0.34
C SER A 2 -18.15 3.30 1.42
N SER A 3 -18.53 3.09 2.68
CA SER A 3 -17.76 3.61 3.80
C SER A 3 -17.03 2.49 4.53
N GLY A 4 -16.12 2.86 5.42
CA GLY A 4 -15.37 1.88 6.18
C GLY A 4 -14.09 2.44 6.75
N SER A 5 -13.83 2.13 8.03
CA SER A 5 -12.63 2.61 8.70
C SER A 5 -11.81 1.46 9.26
N SER A 6 -12.50 0.54 9.95
CA SER A 6 -11.84 -0.62 10.54
C SER A 6 -10.50 -0.22 11.17
N GLY A 7 -10.50 0.91 11.88
CA GLY A 7 -9.28 1.38 12.52
C GLY A 7 -8.39 2.14 11.57
N GLU A 8 -7.67 3.12 12.10
CA GLU A 8 -6.77 3.94 11.29
C GLU A 8 -5.32 3.48 11.45
N LYS A 9 -4.44 4.00 10.59
CA LYS A 9 -3.03 3.64 10.64
C LYS A 9 -2.18 4.74 10.03
N PRO A 10 -1.01 5.00 10.64
CA PRO A 10 -0.08 6.02 10.17
C PRO A 10 0.59 5.64 8.86
N TYR A 11 0.36 4.42 8.41
CA TYR A 11 0.95 3.93 7.17
C TYR A 11 -0.15 3.42 6.22
N SER A 12 -0.72 4.33 5.45
CA SER A 12 -1.77 3.99 4.50
C SER A 12 -1.33 4.30 3.07
N CYS A 13 -1.99 3.65 2.11
CA CYS A 13 -1.68 3.86 0.70
C CYS A 13 -2.74 4.73 0.03
N ALA A 14 -2.40 5.24 -1.15
CA ALA A 14 -3.32 6.09 -1.90
C ALA A 14 -3.86 5.37 -3.13
N GLU A 15 -3.08 4.43 -3.64
CA GLU A 15 -3.47 3.66 -4.82
C GLU A 15 -4.45 2.55 -4.45
N CYS A 16 -3.99 1.60 -3.64
CA CYS A 16 -4.82 0.49 -3.21
C CYS A 16 -5.53 0.82 -1.90
N LYS A 17 -5.00 1.81 -1.18
CA LYS A 17 -5.57 2.21 0.09
C LYS A 17 -5.50 1.09 1.12
N GLU A 18 -4.31 0.51 1.26
CA GLU A 18 -4.10 -0.58 2.21
C GLU A 18 -3.38 -0.08 3.46
N THR A 19 -3.79 -0.58 4.62
CA THR A 19 -3.19 -0.19 5.89
C THR A 19 -2.01 -1.10 6.24
N PHE A 20 -0.97 -0.51 6.81
CA PHE A 20 0.22 -1.26 7.20
C PHE A 20 0.64 -0.92 8.61
N SER A 21 0.96 -1.94 9.40
CA SER A 21 1.39 -1.74 10.78
C SER A 21 2.90 -1.58 10.87
N ASP A 22 3.49 -1.00 9.83
CA ASP A 22 4.94 -0.79 9.79
C ASP A 22 5.33 0.01 8.56
N ASN A 23 6.02 1.13 8.78
CA ASN A 23 6.45 2.00 7.69
C ASN A 23 7.17 1.20 6.61
N ASN A 24 8.07 0.31 7.04
CA ASN A 24 8.83 -0.51 6.10
C ASN A 24 7.90 -1.16 5.08
N ARG A 25 6.92 -1.91 5.57
CA ARG A 25 5.96 -2.58 4.69
C ARG A 25 5.37 -1.61 3.68
N LEU A 26 4.97 -0.43 4.16
CA LEU A 26 4.38 0.59 3.28
C LEU A 26 5.39 1.05 2.24
N VAL A 27 6.62 1.29 2.68
CA VAL A 27 7.68 1.74 1.78
C VAL A 27 7.89 0.75 0.65
N GLN A 28 8.36 -0.44 0.99
CA GLN A 28 8.59 -1.48 -0.01
C GLN A 28 7.32 -1.79 -0.79
N HIS A 29 6.18 -1.63 -0.13
CA HIS A 29 4.89 -1.90 -0.76
C HIS A 29 4.64 -0.94 -1.93
N GLN A 30 4.67 0.36 -1.64
CA GLN A 30 4.45 1.38 -2.65
C GLN A 30 5.11 0.98 -3.97
N LYS A 31 6.32 0.44 -3.88
CA LYS A 31 7.06 0.02 -5.06
C LYS A 31 6.28 -1.02 -5.86
N MET A 32 5.66 -1.95 -5.13
CA MET A 32 4.87 -3.01 -5.77
C MET A 32 3.93 -2.42 -6.82
N HIS A 33 3.64 -1.14 -6.70
CA HIS A 33 2.75 -0.46 -7.64
C HIS A 33 3.51 0.00 -8.87
N THR A 34 4.64 -0.65 -9.14
CA THR A 34 5.47 -0.30 -10.28
C THR A 34 5.18 -1.21 -11.47
N VAL A 35 4.47 -0.69 -12.47
CA VAL A 35 4.13 -1.46 -13.65
C VAL A 35 4.34 -0.64 -14.92
N LYS A 36 4.73 -1.32 -16.00
CA LYS A 36 4.97 -0.66 -17.27
C LYS A 36 4.65 -1.59 -18.44
N SER A 37 3.59 -1.27 -19.18
CA SER A 37 3.19 -2.09 -20.32
C SER A 37 2.46 -1.24 -21.36
N GLY A 38 2.55 -1.64 -22.62
CA GLY A 38 1.89 -0.91 -23.68
C GLY A 38 0.38 -1.00 -23.61
N PRO A 39 -0.19 -2.00 -24.29
CA PRO A 39 -1.64 -2.23 -24.31
C PRO A 39 -2.17 -2.71 -22.97
N SER A 40 -3.42 -2.35 -22.66
CA SER A 40 -4.04 -2.74 -21.41
C SER A 40 -4.70 -4.11 -21.54
N SER A 41 -5.09 -4.69 -20.41
CA SER A 41 -5.73 -6.00 -20.40
C SER A 41 -7.05 -5.95 -19.64
N GLY A 42 -8.02 -6.74 -20.08
CA GLY A 42 -9.32 -6.78 -19.43
C GLY A 42 -9.28 -7.54 -18.12
ZN ZN B . -0.85 0.32 -2.36
N GLY A 1 -15.45 -10.88 3.92
CA GLY A 1 -14.89 -9.62 4.38
C GLY A 1 -14.11 -8.90 3.29
N SER A 2 -14.45 -7.64 3.07
CA SER A 2 -13.77 -6.85 2.04
C SER A 2 -13.13 -5.61 2.65
N SER A 3 -12.37 -4.87 1.84
CA SER A 3 -11.71 -3.67 2.30
C SER A 3 -12.71 -2.66 2.85
N GLY A 4 -12.80 -2.57 4.18
CA GLY A 4 -13.72 -1.65 4.80
C GLY A 4 -13.34 -1.34 6.24
N SER A 5 -13.27 -2.38 7.07
CA SER A 5 -12.92 -2.20 8.47
C SER A 5 -11.42 -2.11 8.65
N SER A 6 -10.77 -1.28 7.82
CA SER A 6 -9.33 -1.10 7.89
C SER A 6 -8.92 -0.50 9.23
N GLY A 7 -7.94 -1.14 9.88
CA GLY A 7 -7.47 -0.65 11.17
C GLY A 7 -6.91 0.75 11.08
N GLU A 8 -6.95 1.47 12.20
CA GLU A 8 -6.43 2.83 12.24
C GLU A 8 -4.90 2.84 12.29
N LYS A 9 -4.28 2.67 11.13
CA LYS A 9 -2.82 2.65 11.02
C LYS A 9 -2.30 3.98 10.50
N PRO A 10 -1.14 4.41 11.02
CA PRO A 10 -0.50 5.66 10.61
C PRO A 10 0.05 5.60 9.18
N TYR A 11 -0.02 4.42 8.58
CA TYR A 11 0.47 4.22 7.23
C TYR A 11 -0.65 3.75 6.30
N SER A 12 -1.00 4.59 5.33
CA SER A 12 -2.06 4.26 4.39
C SER A 12 -1.59 4.51 2.95
N CYS A 13 -1.97 3.61 2.05
CA CYS A 13 -1.60 3.73 0.64
C CYS A 13 -2.65 4.51 -0.13
N ALA A 14 -2.20 5.50 -0.90
CA ALA A 14 -3.10 6.32 -1.70
C ALA A 14 -3.25 5.76 -3.11
N GLU A 15 -3.06 4.46 -3.25
CA GLU A 15 -3.18 3.80 -4.54
C GLU A 15 -4.18 2.65 -4.48
N CYS A 16 -4.03 1.80 -3.47
CA CYS A 16 -4.92 0.66 -3.29
C CYS A 16 -5.71 0.77 -1.99
N LYS A 17 -5.41 1.81 -1.22
CA LYS A 17 -6.09 2.04 0.05
C LYS A 17 -5.84 0.89 1.01
N GLU A 18 -4.58 0.58 1.25
CA GLU A 18 -4.20 -0.50 2.16
C GLU A 18 -3.66 0.05 3.47
N THR A 19 -3.53 -0.83 4.46
CA THR A 19 -3.01 -0.43 5.76
C THR A 19 -1.74 -1.19 6.11
N PHE A 20 -0.94 -0.62 7.01
CA PHE A 20 0.30 -1.24 7.43
C PHE A 20 0.63 -0.89 8.87
N SER A 21 1.24 -1.83 9.58
CA SER A 21 1.60 -1.62 10.98
C SER A 21 2.95 -0.90 11.09
N ASP A 22 3.67 -0.83 9.97
CA ASP A 22 4.97 -0.16 9.94
C ASP A 22 5.22 0.45 8.57
N ASN A 23 6.24 1.30 8.49
CA ASN A 23 6.59 1.96 7.24
C ASN A 23 7.28 0.99 6.30
N ASN A 24 8.36 0.37 6.78
CA ASN A 24 9.11 -0.59 5.97
C ASN A 24 8.18 -1.43 5.11
N ARG A 25 7.06 -1.85 5.70
CA ARG A 25 6.09 -2.66 4.98
C ARG A 25 5.42 -1.85 3.87
N LEU A 26 5.11 -0.60 4.16
CA LEU A 26 4.46 0.27 3.18
C LEU A 26 5.45 0.69 2.10
N VAL A 27 6.56 1.29 2.51
CA VAL A 27 7.59 1.74 1.59
C VAL A 27 7.96 0.63 0.60
N GLN A 28 8.01 -0.60 1.10
CA GLN A 28 8.35 -1.74 0.26
C GLN A 28 7.16 -2.19 -0.57
N HIS A 29 5.97 -1.75 -0.17
CA HIS A 29 4.74 -2.10 -0.88
C HIS A 29 4.43 -1.08 -1.97
N GLN A 30 4.84 0.16 -1.74
CA GLN A 30 4.60 1.23 -2.72
C GLN A 30 5.21 0.88 -4.07
N LYS A 31 6.51 0.61 -4.08
CA LYS A 31 7.21 0.27 -5.31
C LYS A 31 6.47 -0.84 -6.07
N MET A 32 5.90 -1.77 -5.31
CA MET A 32 5.17 -2.89 -5.92
C MET A 32 4.23 -2.39 -7.01
N HIS A 33 3.63 -1.22 -6.79
CA HIS A 33 2.72 -0.63 -7.76
C HIS A 33 3.46 -0.19 -9.01
N THR A 34 4.68 0.32 -8.83
CA THR A 34 5.49 0.77 -9.95
C THR A 34 5.94 -0.40 -10.83
N VAL A 35 5.90 -0.19 -12.14
CA VAL A 35 6.30 -1.22 -13.09
C VAL A 35 7.80 -1.17 -13.38
N LYS A 36 8.44 -2.33 -13.35
CA LYS A 36 9.87 -2.40 -13.61
C LYS A 36 10.16 -3.38 -14.76
N SER A 37 10.04 -2.88 -15.98
CA SER A 37 10.29 -3.70 -17.16
C SER A 37 11.76 -3.64 -17.57
N GLY A 38 12.24 -2.43 -17.83
CA GLY A 38 13.62 -2.24 -18.24
C GLY A 38 14.44 -1.51 -17.18
N PRO A 39 15.72 -1.88 -17.08
CA PRO A 39 16.64 -1.28 -16.10
C PRO A 39 16.98 0.18 -16.45
N SER A 40 16.47 0.63 -17.60
CA SER A 40 16.72 2.00 -18.04
C SER A 40 15.94 3.00 -17.20
N SER A 41 16.61 3.59 -16.22
CA SER A 41 15.98 4.56 -15.34
C SER A 41 16.54 5.96 -15.58
N GLY A 42 15.72 6.97 -15.32
CA GLY A 42 16.14 8.34 -15.52
C GLY A 42 17.36 8.71 -14.68
ZN ZN B . -0.83 0.15 -2.47
#